data_5WPK
#
_entry.id   5WPK
#
_cell.length_a   57.865
_cell.length_b   131.248
_cell.length_c   57.957
_cell.angle_alpha   90.00
_cell.angle_beta   102.54
_cell.angle_gamma   90.00
#
_symmetry.space_group_name_H-M   'P 1 21 1'
#
loop_
_entity.id
_entity.type
_entity.pdbx_description
1 polymer '3-hydroxy-3-methylglutaryl coenzyme A reductase'
2 non-polymer '3-HYDROXY-3-METHYLGLUTARYL-COENZYME A'
3 non-polymer GLYCEROL
4 non-polymer 2-{2-[2-(2-{2-[2-(2-ETHOXY-ETHOXY)-ETHOXY]-ETHOXY}-ETHOXY)-ETHOXY]-ETHOXY}-ETHANOL
5 water water
#
_entity_poly.entity_id   1
_entity_poly.type   'polypeptide(L)'
_entity_poly.pdbx_seq_one_letter_code
;GHMKISWNGFSKKSYQERLELLKAQALLSPERQASLEKDEQMSVTVADQLSENVVGTFSLPYSLVPEVLVNGQEYTVPYV
TEEPSVVAAASYASKIIKRAGGFTAQVHQRQMIGQVALYQVANPKLAQEKIASKKAELLELANQAYPSIVKRGGGARDLH
VEQIKGEPDFLVVYIHVDTQEAMGANMLNTMLEALKPVLEELSQGQSLMGILSNYATDSLVTASCRIAFRYLSRQKDQGR
EIAEKIALASQFAQADPYRAATHNKGIFNGIDAILIATGNDWRAIEAGAHAFASRDGRYQGLSCWTLDLEREELVGEMTL
PMPVATKGGSIGLNPRVALSHDLLGNPSARELAQIIESIGLAQNFAALKALVSTGIQQGHMKLQAKSLALLAGASESEVA
PLVERLISDKTFNLETAQRYLENLRS
;
_entity_poly.pdbx_strand_id   A,B
#
loop_
_chem_comp.id
_chem_comp.type
_chem_comp.name
_chem_comp.formula
GOL non-polymer GLYCEROL 'C3 H8 O3'
HMG non-polymer '3-HYDROXY-3-METHYLGLUTARYL-COENZYME A' 'C27 H39 N7 O20 P3 S -5'
PE4 non-polymer 2-{2-[2-(2-{2-[2-(2-ETHOXY-ETHOXY)-ETHOXY]-ETHOXY}-ETHOXY)-ETHOXY]-ETHOXY}-ETHANOL 'C16 H34 O8'
#
# COMPACT_ATOMS: atom_id res chain seq x y z
N GLY A 1 -6.49 2.79 -37.06
CA GLY A 1 -7.32 2.11 -38.04
C GLY A 1 -8.41 2.98 -38.64
N HIS A 2 -8.60 4.15 -38.04
CA HIS A 2 -9.57 5.16 -38.49
C HIS A 2 -11.01 4.69 -38.37
N MET A 3 -11.95 5.59 -38.69
CA MET A 3 -13.39 5.38 -38.57
C MET A 3 -13.82 5.20 -37.11
N LYS A 4 -12.88 5.34 -36.19
CA LYS A 4 -13.18 5.42 -34.76
C LYS A 4 -12.45 6.64 -34.23
N ILE A 5 -13.17 7.50 -33.50
CA ILE A 5 -12.59 8.76 -33.03
C ILE A 5 -11.33 8.46 -32.23
N SER A 6 -10.29 9.25 -32.48
CA SER A 6 -8.98 9.01 -31.90
C SER A 6 -8.78 9.84 -30.62
N TRP A 7 -7.74 9.47 -29.87
CA TRP A 7 -7.36 10.15 -28.64
C TRP A 7 -6.21 11.14 -28.86
N ASN A 8 -5.91 11.50 -30.11
CA ASN A 8 -4.80 12.40 -30.37
C ASN A 8 -5.14 13.81 -29.89
N GLY A 9 -4.16 14.45 -29.22
CA GLY A 9 -4.41 15.74 -28.63
C GLY A 9 -5.27 15.73 -27.38
N PHE A 10 -5.51 14.55 -26.80
CA PHE A 10 -6.30 14.47 -25.57
C PHE A 10 -5.62 15.19 -24.41
N SER A 11 -4.29 15.14 -24.36
CA SER A 11 -3.53 15.94 -23.39
C SER A 11 -3.99 17.40 -23.37
N LYS A 12 -4.19 17.98 -24.55
CA LYS A 12 -4.46 19.42 -24.67
C LYS A 12 -5.92 19.77 -24.46
N LYS A 13 -6.78 18.80 -24.19
CA LYS A 13 -8.20 19.08 -24.04
C LYS A 13 -8.50 19.62 -22.64
N SER A 14 -9.57 20.43 -22.55
CA SER A 14 -10.02 20.91 -21.27
C SER A 14 -10.91 19.87 -20.61
N TYR A 15 -11.27 20.12 -19.35
CA TYR A 15 -12.05 19.15 -18.58
C TYR A 15 -13.37 18.82 -19.29
N GLN A 16 -14.08 19.85 -19.75
CA GLN A 16 -15.36 19.60 -20.41
C GLN A 16 -15.16 18.92 -21.76
N GLU A 17 -14.09 19.27 -22.48
CA GLU A 17 -13.81 18.62 -23.76
C GLU A 17 -13.40 17.17 -23.57
N ARG A 18 -12.71 16.84 -22.47
CA ARG A 18 -12.35 15.46 -22.21
C ARG A 18 -13.60 14.60 -22.04
N LEU A 19 -14.63 15.15 -21.40
CA LEU A 19 -15.86 14.39 -21.20
C LEU A 19 -16.63 14.23 -22.50
N GLU A 20 -16.53 15.21 -23.41
CA GLU A 20 -17.16 15.06 -24.73
C GLU A 20 -16.45 13.99 -25.56
N LEU A 21 -15.11 13.99 -25.53
CA LEU A 21 -14.38 12.95 -26.25
C LEU A 21 -14.69 11.57 -25.69
N LEU A 22 -14.71 11.45 -24.35
CA LEU A 22 -15.09 10.19 -23.74
C LEU A 22 -16.51 9.80 -24.12
N LYS A 23 -17.41 10.77 -24.21
CA LYS A 23 -18.77 10.49 -24.65
C LYS A 23 -18.79 10.03 -26.10
N ALA A 24 -17.95 10.63 -26.94
CA ALA A 24 -17.86 10.21 -28.34
C ALA A 24 -17.39 8.77 -28.46
N GLN A 25 -16.52 8.31 -27.56
CA GLN A 25 -16.06 6.93 -27.58
C GLN A 25 -17.17 5.93 -27.27
N ALA A 26 -18.24 6.38 -26.62
CA ALA A 26 -19.40 5.54 -26.30
C ALA A 26 -19.01 4.34 -25.44
N LEU A 27 -18.14 4.58 -24.45
CA LEU A 27 -17.70 3.52 -23.54
C LEU A 27 -18.63 3.32 -22.36
N LEU A 28 -19.35 4.35 -21.95
CA LEU A 28 -20.21 4.30 -20.78
C LEU A 28 -21.68 4.38 -21.18
N SER A 29 -22.52 3.69 -20.42
CA SER A 29 -23.96 3.73 -20.61
C SER A 29 -24.47 5.14 -20.35
N PRO A 30 -25.71 5.47 -20.74
CA PRO A 30 -26.25 6.80 -20.42
C PRO A 30 -26.19 7.13 -18.93
N GLU A 31 -26.44 6.15 -18.07
CA GLU A 31 -26.42 6.42 -16.62
C GLU A 31 -25.00 6.62 -16.11
N ARG A 32 -24.04 5.83 -16.59
CA ARG A 32 -22.67 5.97 -16.11
C ARG A 32 -22.04 7.27 -16.62
N GLN A 33 -22.28 7.62 -17.89
CA GLN A 33 -21.76 8.88 -18.40
C GLN A 33 -22.32 10.06 -17.62
N ALA A 34 -23.65 10.07 -17.40
CA ALA A 34 -24.25 11.14 -16.61
C ALA A 34 -23.71 11.16 -15.19
N SER A 35 -23.57 9.98 -14.58
CA SER A 35 -22.97 9.89 -13.24
C SER A 35 -21.58 10.55 -13.22
N LEU A 36 -20.81 10.37 -14.27
CA LEU A 36 -19.49 11.01 -14.34
C LEU A 36 -19.61 12.51 -14.58
N GLU A 37 -20.64 12.93 -15.34
CA GLU A 37 -20.80 14.35 -15.66
C GLU A 37 -21.33 15.14 -14.47
N LYS A 38 -22.20 14.54 -13.65
CA LYS A 38 -22.56 15.13 -12.37
C LYS A 38 -21.45 15.00 -11.35
N ASP A 39 -20.38 14.27 -11.68
CA ASP A 39 -19.30 13.94 -10.74
C ASP A 39 -19.88 13.32 -9.47
N GLU A 40 -20.75 12.33 -9.66
CA GLU A 40 -21.39 11.66 -8.54
C GLU A 40 -20.33 10.97 -7.67
N GLN A 41 -20.40 11.23 -6.37
CA GLN A 41 -19.46 10.68 -5.41
C GLN A 41 -20.18 9.69 -4.49
N MET A 42 -19.39 8.87 -3.82
CA MET A 42 -19.92 8.03 -2.76
C MET A 42 -20.43 8.90 -1.63
N SER A 43 -21.62 8.60 -1.13
CA SER A 43 -22.23 9.42 -0.11
C SER A 43 -21.65 9.10 1.27
N VAL A 44 -21.87 10.01 2.22
CA VAL A 44 -21.44 9.76 3.59
C VAL A 44 -22.20 8.59 4.18
N THR A 45 -23.47 8.42 3.79
CA THR A 45 -24.24 7.28 4.28
C THR A 45 -23.65 5.96 3.78
N VAL A 46 -23.14 5.94 2.55
CA VAL A 46 -22.51 4.73 2.04
C VAL A 46 -21.13 4.55 2.69
N ALA A 47 -20.32 5.62 2.70
CA ALA A 47 -19.04 5.57 3.39
C ALA A 47 -19.21 5.15 4.85
N ASP A 48 -20.34 5.52 5.46
CA ASP A 48 -20.64 5.08 6.82
C ASP A 48 -20.69 3.57 6.93
N GLN A 49 -20.99 2.87 5.83
CA GLN A 49 -21.04 1.41 5.84
C GLN A 49 -19.68 0.77 5.57
N LEU A 50 -18.76 1.48 4.93
CA LEU A 50 -17.46 0.92 4.62
C LEU A 50 -16.45 1.07 5.75
N SER A 51 -16.55 2.12 6.55
CA SER A 51 -15.58 2.38 7.61
C SER A 51 -16.31 2.70 8.91
N GLU A 52 -15.53 2.94 9.95
CA GLU A 52 -16.04 3.32 11.26
C GLU A 52 -15.64 4.75 11.57
N ASN A 53 -16.30 5.33 12.57
CA ASN A 53 -16.08 6.71 12.98
C ASN A 53 -15.99 7.65 11.79
N VAL A 54 -16.85 7.47 10.79
CA VAL A 54 -16.83 8.31 9.60
C VAL A 54 -17.37 9.69 9.97
N VAL A 55 -16.65 10.74 9.57
CA VAL A 55 -17.06 12.11 9.83
C VAL A 55 -17.01 12.91 8.54
N GLY A 56 -16.95 12.23 7.41
CA GLY A 56 -16.91 12.91 6.13
C GLY A 56 -16.37 11.99 5.06
N THR A 57 -16.02 12.60 3.92
CA THR A 57 -15.46 11.89 2.78
C THR A 57 -14.24 12.63 2.27
N PHE A 58 -13.34 11.88 1.64
CA PHE A 58 -12.06 12.38 1.16
C PHE A 58 -11.98 12.14 -0.34
N SER A 59 -11.62 13.17 -1.10
CA SER A 59 -11.67 13.10 -2.55
C SER A 59 -10.28 13.19 -3.16
N LEU A 60 -10.08 12.41 -4.20
CA LEU A 60 -8.85 12.35 -4.99
C LEU A 60 -9.21 12.54 -6.46
N PRO A 61 -8.25 12.92 -7.30
CA PRO A 61 -8.54 13.06 -8.73
C PRO A 61 -8.90 11.71 -9.35
N TYR A 62 -9.62 11.79 -10.48
CA TYR A 62 -10.04 10.62 -11.25
C TYR A 62 -9.75 10.89 -12.71
N SER A 63 -8.87 10.08 -13.31
CA SER A 63 -8.32 10.37 -14.62
C SER A 63 -8.49 9.17 -15.56
N LEU A 64 -8.13 9.40 -16.82
CA LEU A 64 -8.23 8.41 -17.88
C LEU A 64 -6.86 8.20 -18.50
N VAL A 65 -6.45 6.93 -18.63
CA VAL A 65 -5.26 6.57 -19.38
C VAL A 65 -5.72 5.86 -20.65
N PRO A 66 -5.71 6.51 -21.79
CA PRO A 66 -6.28 5.91 -23.01
C PRO A 66 -5.28 5.04 -23.77
N GLU A 67 -5.84 4.20 -24.63
CA GLU A 67 -5.08 3.39 -25.59
C GLU A 67 -4.15 2.40 -24.89
N VAL A 68 -4.72 1.63 -23.98
CA VAL A 68 -3.99 0.56 -23.28
C VAL A 68 -4.32 -0.74 -24.02
N LEU A 69 -3.40 -1.18 -24.87
CA LEU A 69 -3.62 -2.36 -25.70
C LEU A 69 -3.03 -3.58 -25.00
N VAL A 70 -3.90 -4.48 -24.55
CA VAL A 70 -3.49 -5.69 -23.84
C VAL A 70 -4.09 -6.89 -24.58
N ASN A 71 -3.22 -7.74 -25.12
CA ASN A 71 -3.64 -8.97 -25.81
C ASN A 71 -4.58 -8.66 -26.99
N GLY A 72 -4.25 -7.63 -27.74
CA GLY A 72 -5.07 -7.23 -28.88
C GLY A 72 -6.36 -6.53 -28.53
N GLN A 73 -6.69 -6.38 -27.25
CA GLN A 73 -7.88 -5.66 -26.81
C GLN A 73 -7.46 -4.32 -26.20
N GLU A 74 -8.07 -3.24 -26.68
CA GLU A 74 -7.75 -1.89 -26.22
C GLU A 74 -8.70 -1.45 -25.13
N TYR A 75 -8.15 -0.75 -24.13
CA TYR A 75 -8.90 -0.29 -22.97
C TYR A 75 -8.63 1.17 -22.72
N THR A 76 -9.56 1.80 -22.00
CA THR A 76 -9.37 3.13 -21.43
C THR A 76 -9.28 2.94 -19.92
N VAL A 77 -8.08 3.13 -19.36
CA VAL A 77 -7.79 2.77 -17.98
C VAL A 77 -8.10 3.94 -17.05
N PRO A 78 -8.80 3.70 -15.94
CA PRO A 78 -9.04 4.77 -14.96
C PRO A 78 -7.94 4.86 -13.90
N TYR A 79 -7.46 6.07 -13.63
CA TYR A 79 -6.44 6.31 -12.63
C TYR A 79 -7.00 7.21 -11.53
N VAL A 80 -6.60 6.92 -10.29
CA VAL A 80 -6.88 7.79 -9.15
C VAL A 80 -5.52 8.05 -8.49
N THR A 81 -4.92 9.19 -8.79
CA THR A 81 -3.64 9.57 -8.20
C THR A 81 -3.62 11.06 -7.95
N GLU A 82 -2.88 11.44 -6.91
CA GLU A 82 -2.68 12.84 -6.54
C GLU A 82 -1.34 13.38 -6.98
N GLU A 83 -0.53 12.57 -7.68
CA GLU A 83 0.83 12.97 -8.02
C GLU A 83 0.90 13.45 -9.46
N PRO A 84 1.36 14.67 -9.71
CA PRO A 84 1.49 15.15 -11.10
C PRO A 84 2.44 14.28 -11.92
N SER A 85 2.16 14.21 -13.22
CA SER A 85 2.90 13.54 -14.28
C SER A 85 2.68 12.03 -14.27
N VAL A 86 2.04 11.46 -13.26
CA VAL A 86 1.82 10.02 -13.25
C VAL A 86 0.90 9.60 -14.39
N VAL A 87 -0.24 10.29 -14.52
CA VAL A 87 -1.19 9.97 -15.60
C VAL A 87 -0.59 10.29 -16.96
N ALA A 88 0.09 11.44 -17.08
CA ALA A 88 0.71 11.80 -18.35
C ALA A 88 1.74 10.77 -18.78
N ALA A 89 2.52 10.25 -17.83
CA ALA A 89 3.56 9.29 -18.18
C ALA A 89 2.97 7.95 -18.59
N ALA A 90 1.93 7.50 -17.90
CA ALA A 90 1.27 6.24 -18.28
C ALA A 90 0.57 6.36 -19.62
N SER A 91 -0.02 7.53 -19.92
CA SER A 91 -0.65 7.74 -21.22
C SER A 91 0.40 7.76 -22.32
N TYR A 92 1.51 8.47 -22.10
CA TYR A 92 2.58 8.54 -23.08
C TYR A 92 3.18 7.16 -23.34
N ALA A 93 3.44 6.40 -22.29
CA ALA A 93 4.04 5.08 -22.47
C ALA A 93 3.07 4.13 -23.16
N SER A 94 1.78 4.25 -22.87
CA SER A 94 0.79 3.36 -23.48
C SER A 94 0.66 3.63 -24.97
N LYS A 95 0.77 4.89 -25.39
CA LYS A 95 0.67 5.22 -26.80
C LYS A 95 1.84 4.62 -27.58
N ILE A 96 3.05 4.78 -27.06
CA ILE A 96 4.23 4.24 -27.73
C ILE A 96 4.15 2.72 -27.81
N ILE A 97 3.77 2.09 -26.69
CA ILE A 97 3.71 0.63 -26.65
C ILE A 97 2.55 0.10 -27.49
N LYS A 98 1.45 0.86 -27.60
CA LYS A 98 0.39 0.49 -28.52
C LYS A 98 0.90 0.47 -29.97
N ARG A 99 1.69 1.48 -30.34
CA ARG A 99 2.31 1.48 -31.66
C ARG A 99 3.21 0.27 -31.86
N ALA A 100 3.86 -0.20 -30.79
CA ALA A 100 4.72 -1.37 -30.85
C ALA A 100 3.98 -2.70 -30.73
N GLY A 101 2.65 -2.68 -30.84
CA GLY A 101 1.88 -3.91 -30.78
C GLY A 101 1.15 -4.16 -29.47
N GLY A 102 1.37 -3.32 -28.46
CA GLY A 102 0.68 -3.48 -27.20
C GLY A 102 1.34 -4.50 -26.29
N PHE A 103 0.61 -4.86 -25.25
CA PHE A 103 1.10 -5.79 -24.24
C PHE A 103 0.57 -7.19 -24.49
N THR A 104 1.40 -8.18 -24.16
CA THR A 104 1.02 -9.58 -24.09
C THR A 104 1.12 -10.01 -22.64
N ALA A 105 0.04 -10.59 -22.10
CA ALA A 105 -0.02 -10.89 -20.69
C ALA A 105 -0.73 -12.21 -20.46
N GLN A 106 -0.39 -12.86 -19.35
CA GLN A 106 -0.99 -14.14 -19.00
C GLN A 106 -1.13 -14.22 -17.48
N VAL A 107 -2.06 -15.06 -17.04
CA VAL A 107 -2.29 -15.38 -15.63
C VAL A 107 -1.87 -16.83 -15.42
N HIS A 108 -0.80 -17.05 -14.65
CA HIS A 108 -0.33 -18.41 -14.40
C HIS A 108 -1.33 -19.19 -13.54
N GLN A 109 -1.75 -18.59 -12.44
CA GLN A 109 -2.67 -19.22 -11.50
C GLN A 109 -3.51 -18.11 -10.88
N ARG A 110 -4.64 -18.51 -10.30
CA ARG A 110 -5.47 -17.59 -9.56
C ARG A 110 -6.06 -18.37 -8.38
N GLN A 111 -5.25 -18.50 -7.33
CA GLN A 111 -5.67 -19.14 -6.09
C GLN A 111 -5.11 -18.33 -4.93
N MET A 112 -5.85 -18.31 -3.82
CA MET A 112 -5.42 -17.62 -2.61
C MET A 112 -4.83 -18.64 -1.65
N ILE A 113 -3.80 -18.22 -0.92
CA ILE A 113 -3.12 -19.08 0.05
C ILE A 113 -3.55 -18.66 1.45
N GLY A 114 -4.07 -19.62 2.21
CA GLY A 114 -4.33 -19.45 3.63
C GLY A 114 -3.38 -20.30 4.44
N GLN A 115 -3.14 -19.96 5.70
CA GLN A 115 -2.21 -20.71 6.52
C GLN A 115 -2.70 -20.81 7.96
N VAL A 116 -2.43 -21.95 8.58
CA VAL A 116 -2.65 -22.14 10.01
C VAL A 116 -1.30 -22.50 10.63
N ALA A 117 -0.87 -21.70 11.59
CA ALA A 117 0.39 -21.95 12.28
C ALA A 117 0.13 -22.77 13.53
N LEU A 118 0.85 -23.89 13.66
CA LEU A 118 0.77 -24.75 14.82
C LEU A 118 2.10 -24.76 15.56
N TYR A 119 2.02 -24.86 16.87
CA TYR A 119 3.20 -24.91 17.72
C TYR A 119 2.90 -25.85 18.88
N GLN A 120 3.96 -26.17 19.65
CA GLN A 120 3.86 -27.12 20.74
C GLN A 120 3.46 -28.50 20.22
N VAL A 121 4.07 -28.89 19.12
CA VAL A 121 3.83 -30.20 18.51
C VAL A 121 4.88 -31.17 19.02
N ALA A 122 4.44 -32.24 19.69
CA ALA A 122 5.37 -33.20 20.27
C ALA A 122 6.25 -33.83 19.20
N ASN A 123 5.63 -34.38 18.15
CA ASN A 123 6.36 -34.98 17.03
C ASN A 123 5.93 -34.28 15.75
N PRO A 124 6.68 -33.28 15.28
CA PRO A 124 6.27 -32.59 14.04
C PRO A 124 6.32 -33.48 12.82
N LYS A 125 7.23 -34.46 12.77
CA LYS A 125 7.33 -35.33 11.61
C LYS A 125 6.09 -36.20 11.48
N LEU A 126 5.67 -36.84 12.58
CA LEU A 126 4.45 -37.64 12.54
C LEU A 126 3.23 -36.75 12.31
N ALA A 127 3.20 -35.58 12.94
CA ALA A 127 2.08 -34.66 12.71
C ALA A 127 2.03 -34.20 11.26
N GLN A 128 3.19 -33.96 10.66
CA GLN A 128 3.23 -33.63 9.24
C GLN A 128 2.68 -34.77 8.39
N GLU A 129 3.04 -36.01 8.72
CA GLU A 129 2.58 -37.15 7.96
C GLU A 129 1.11 -37.43 8.19
N LYS A 130 0.62 -37.16 9.40
CA LYS A 130 -0.80 -37.38 9.68
C LYS A 130 -1.67 -36.37 8.94
N ILE A 131 -1.27 -35.10 8.93
CA ILE A 131 -2.09 -34.09 8.28
C ILE A 131 -1.99 -34.23 6.76
N ALA A 132 -0.80 -34.53 6.25
CA ALA A 132 -0.64 -34.67 4.80
C ALA A 132 -1.47 -35.83 4.26
N SER A 133 -1.49 -36.96 4.98
CA SER A 133 -2.23 -38.11 4.51
C SER A 133 -3.74 -37.94 4.64
N LYS A 134 -4.22 -36.88 5.28
CA LYS A 134 -5.64 -36.57 5.35
C LYS A 134 -5.99 -35.31 4.57
N LYS A 135 -5.17 -34.97 3.58
CA LYS A 135 -5.46 -33.83 2.70
C LYS A 135 -6.89 -33.86 2.18
N ALA A 136 -7.35 -35.02 1.72
CA ALA A 136 -8.66 -35.11 1.08
C ALA A 136 -9.78 -34.70 2.04
N GLU A 137 -9.78 -35.24 3.25
CA GLU A 137 -10.83 -34.91 4.21
C GLU A 137 -10.70 -33.47 4.69
N LEU A 138 -9.47 -32.96 4.83
CA LEU A 138 -9.29 -31.60 5.31
C LEU A 138 -9.81 -30.58 4.29
N LEU A 139 -9.54 -30.80 3.00
CA LEU A 139 -10.02 -29.85 2.00
C LEU A 139 -11.53 -29.99 1.77
N GLU A 140 -12.07 -31.20 1.90
CA GLU A 140 -13.52 -31.33 1.89
C GLU A 140 -14.12 -30.61 3.10
N LEU A 141 -13.44 -30.68 4.24
CA LEU A 141 -13.87 -29.91 5.41
C LEU A 141 -13.83 -28.42 5.12
N ALA A 142 -12.77 -27.96 4.45
CA ALA A 142 -12.65 -26.53 4.14
C ALA A 142 -13.72 -26.07 3.16
N ASN A 143 -14.25 -26.96 2.33
CA ASN A 143 -15.27 -26.52 1.39
C ASN A 143 -16.68 -26.66 1.95
N GLN A 144 -16.83 -27.32 3.10
CA GLN A 144 -18.13 -27.53 3.70
C GLN A 144 -18.56 -26.35 4.55
N ALA A 145 -17.63 -25.49 4.95
CA ALA A 145 -17.94 -24.29 5.70
C ALA A 145 -18.13 -23.07 4.81
N TYR A 146 -17.88 -23.19 3.51
CA TYR A 146 -18.15 -22.11 2.54
C TYR A 146 -18.72 -22.73 1.28
N PRO A 147 -19.94 -23.28 1.35
CA PRO A 147 -20.45 -24.06 0.21
C PRO A 147 -20.73 -23.22 -1.02
N SER A 148 -21.01 -21.93 -0.86
CA SER A 148 -21.40 -21.10 -1.99
C SER A 148 -20.29 -20.99 -3.03
N ILE A 149 -19.02 -20.98 -2.60
CA ILE A 149 -17.91 -20.91 -3.55
C ILE A 149 -17.74 -22.21 -4.32
N VAL A 150 -18.22 -23.33 -3.76
CA VAL A 150 -18.12 -24.59 -4.49
C VAL A 150 -19.19 -24.64 -5.56
N LYS A 151 -20.36 -24.05 -5.30
CA LYS A 151 -21.43 -24.06 -6.29
C LYS A 151 -21.09 -23.25 -7.52
N ARG A 152 -20.06 -22.40 -7.47
CA ARG A 152 -19.69 -21.58 -8.62
C ARG A 152 -18.33 -21.92 -9.21
N GLY A 153 -17.84 -23.15 -9.01
CA GLY A 153 -16.59 -23.56 -9.62
C GLY A 153 -15.35 -23.47 -8.75
N GLY A 154 -15.44 -22.84 -7.59
CA GLY A 154 -14.30 -22.57 -6.75
C GLY A 154 -14.16 -23.49 -5.55
N GLY A 155 -13.37 -23.05 -4.59
CA GLY A 155 -13.12 -23.76 -3.35
C GLY A 155 -11.68 -24.24 -3.21
N ALA A 156 -11.47 -24.99 -2.13
CA ALA A 156 -10.15 -25.47 -1.75
C ALA A 156 -9.64 -26.55 -2.68
N ARG A 157 -8.45 -26.34 -3.26
CA ARG A 157 -7.85 -27.22 -4.25
C ARG A 157 -6.69 -28.06 -3.73
N ASP A 158 -5.77 -27.46 -2.98
CA ASP A 158 -4.58 -28.17 -2.53
C ASP A 158 -4.27 -27.81 -1.08
N LEU A 159 -3.49 -28.69 -0.45
CA LEU A 159 -3.05 -28.50 0.93
C LEU A 159 -1.68 -29.13 1.08
N HIS A 160 -0.85 -28.55 1.94
CA HIS A 160 0.44 -29.15 2.28
C HIS A 160 0.93 -28.55 3.59
N VAL A 161 1.79 -29.31 4.27
CA VAL A 161 2.31 -28.97 5.58
C VAL A 161 3.81 -28.73 5.48
N GLU A 162 4.30 -27.79 6.28
CA GLU A 162 5.72 -27.46 6.27
C GLU A 162 6.22 -27.27 7.69
N GLN A 163 7.43 -27.75 7.95
CA GLN A 163 8.11 -27.55 9.22
C GLN A 163 9.01 -26.34 9.08
N ILE A 164 8.66 -25.25 9.73
CA ILE A 164 9.45 -24.03 9.72
C ILE A 164 10.28 -24.02 10.99
N LYS A 165 11.59 -24.20 10.86
CA LYS A 165 12.49 -24.27 12.00
C LYS A 165 12.70 -22.89 12.61
N GLY A 166 13.26 -22.88 13.83
CA GLY A 166 13.55 -21.65 14.52
C GLY A 166 13.26 -21.67 16.01
N GLU A 167 12.89 -20.50 16.55
CA GLU A 167 12.58 -20.36 17.97
C GLU A 167 11.25 -19.62 18.12
N PRO A 168 10.14 -20.35 18.34
CA PRO A 168 10.13 -21.81 18.39
C PRO A 168 9.95 -22.42 17.00
N ASP A 169 9.67 -23.72 16.97
CA ASP A 169 9.38 -24.41 15.72
C ASP A 169 7.90 -24.33 15.41
N PHE A 170 7.56 -24.00 14.17
CA PHE A 170 6.18 -23.90 13.73
C PHE A 170 5.89 -25.01 12.73
N LEU A 171 4.69 -25.57 12.82
CA LEU A 171 4.14 -26.47 11.81
C LEU A 171 3.02 -25.70 11.12
N VAL A 172 3.25 -25.33 9.86
CA VAL A 172 2.33 -24.46 9.13
C VAL A 172 1.62 -25.29 8.06
N VAL A 173 0.31 -25.17 8.01
CA VAL A 173 -0.53 -25.83 7.02
C VAL A 173 -1.02 -24.76 6.06
N TYR A 174 -0.73 -24.93 4.77
CA TYR A 174 -1.16 -24.00 3.74
C TYR A 174 -2.28 -24.63 2.93
N ILE A 175 -3.35 -23.89 2.72
CA ILE A 175 -4.44 -24.33 1.86
C ILE A 175 -4.49 -23.40 0.64
N HIS A 176 -4.79 -23.98 -0.51
CA HIS A 176 -4.89 -23.24 -1.77
C HIS A 176 -6.34 -23.31 -2.22
N VAL A 177 -6.98 -22.15 -2.33
CA VAL A 177 -8.43 -22.07 -2.54
C VAL A 177 -8.70 -21.25 -3.78
N ASP A 178 -9.60 -21.75 -4.63
CA ASP A 178 -10.12 -20.99 -5.75
C ASP A 178 -11.19 -20.01 -5.27
N THR A 179 -10.91 -18.72 -5.38
CA THR A 179 -11.82 -17.68 -4.90
C THR A 179 -12.80 -17.20 -5.97
N GLN A 180 -12.49 -17.44 -7.25
CA GLN A 180 -13.25 -16.87 -8.37
C GLN A 180 -13.06 -15.36 -8.41
N GLU A 181 -14.13 -14.63 -8.71
CA GLU A 181 -14.03 -13.19 -8.97
C GLU A 181 -13.78 -12.38 -7.70
N ALA A 182 -13.95 -12.98 -6.53
CA ALA A 182 -13.79 -12.30 -5.25
C ALA A 182 -12.35 -12.45 -4.75
N MET A 183 -11.94 -11.52 -3.88
CA MET A 183 -10.61 -11.62 -3.30
C MET A 183 -10.53 -12.73 -2.27
N GLY A 184 -11.66 -13.18 -1.74
CA GLY A 184 -11.71 -14.34 -0.88
C GLY A 184 -11.02 -14.22 0.46
N ALA A 185 -11.03 -13.04 1.08
CA ALA A 185 -10.53 -12.95 2.44
C ALA A 185 -11.51 -13.56 3.43
N ASN A 186 -12.77 -13.10 3.38
CA ASN A 186 -13.82 -13.68 4.21
C ASN A 186 -13.93 -15.19 4.00
N MET A 187 -13.88 -15.60 2.73
CA MET A 187 -13.88 -17.02 2.37
C MET A 187 -12.78 -17.79 3.08
N LEU A 188 -11.53 -17.35 2.90
CA LEU A 188 -10.39 -18.12 3.38
C LEU A 188 -10.38 -18.21 4.91
N ASN A 189 -10.53 -17.08 5.60
CA ASN A 189 -10.46 -17.12 7.06
C ASN A 189 -11.60 -17.94 7.64
N THR A 190 -12.73 -18.02 6.94
CA THR A 190 -13.80 -18.90 7.39
C THR A 190 -13.40 -20.36 7.26
N MET A 191 -12.67 -20.71 6.19
CA MET A 191 -12.23 -22.09 6.02
C MET A 191 -11.11 -22.45 6.99
N LEU A 192 -10.18 -21.51 7.20
CA LEU A 192 -9.07 -21.77 8.11
C LEU A 192 -9.57 -21.99 9.53
N GLU A 193 -10.44 -21.11 10.01
CA GLU A 193 -10.97 -21.23 11.37
C GLU A 193 -11.72 -22.55 11.57
N ALA A 194 -12.20 -23.16 10.49
CA ALA A 194 -12.86 -24.45 10.62
C ALA A 194 -11.86 -25.59 10.64
N LEU A 195 -10.71 -25.41 9.98
CA LEU A 195 -9.65 -26.43 9.97
C LEU A 195 -8.84 -26.41 11.27
N LYS A 196 -8.76 -25.25 11.92
CA LYS A 196 -7.96 -25.09 13.13
C LYS A 196 -8.28 -26.13 14.20
N PRO A 197 -9.54 -26.37 14.59
CA PRO A 197 -9.78 -27.40 15.62
C PRO A 197 -9.32 -28.78 15.20
N VAL A 198 -9.47 -29.14 13.93
CA VAL A 198 -9.06 -30.48 13.48
C VAL A 198 -7.55 -30.59 13.43
N LEU A 199 -6.87 -29.56 12.92
CA LEU A 199 -5.42 -29.59 12.82
C LEU A 199 -4.77 -29.67 14.19
N GLU A 200 -5.38 -29.08 15.21
CA GLU A 200 -4.88 -29.23 16.57
C GLU A 200 -4.91 -30.68 17.00
N GLU A 201 -6.00 -31.39 16.68
CA GLU A 201 -6.13 -32.79 17.08
C GLU A 201 -5.17 -33.68 16.31
N LEU A 202 -4.99 -33.42 15.01
CA LEU A 202 -4.12 -34.26 14.21
C LEU A 202 -2.66 -34.13 14.66
N SER A 203 -2.25 -32.94 15.08
CA SER A 203 -0.89 -32.68 15.50
C SER A 203 -0.68 -32.77 17.00
N GLN A 204 -1.76 -32.76 17.78
CA GLN A 204 -1.71 -32.66 19.25
C GLN A 204 -0.91 -31.44 19.68
N GLY A 205 -0.93 -30.40 18.85
CA GLY A 205 -0.33 -29.13 19.18
C GLY A 205 -1.38 -28.06 19.42
N GLN A 206 -0.92 -26.82 19.46
CA GLN A 206 -1.79 -25.69 19.68
C GLN A 206 -1.79 -24.78 18.45
N SER A 207 -2.98 -24.30 18.09
CA SER A 207 -3.13 -23.41 16.96
C SER A 207 -2.83 -21.97 17.39
N LEU A 208 -1.94 -21.31 16.67
CA LEU A 208 -1.62 -19.91 16.96
C LEU A 208 -2.56 -18.96 16.23
N MET A 209 -2.84 -19.23 14.96
CA MET A 209 -3.68 -18.36 14.14
C MET A 209 -3.99 -19.08 12.83
N GLY A 210 -5.13 -18.71 12.25
CA GLY A 210 -5.51 -19.19 10.93
C GLY A 210 -5.85 -17.99 10.08
N ILE A 211 -4.99 -17.62 9.13
CA ILE A 211 -5.13 -16.33 8.46
C ILE A 211 -4.75 -16.42 6.99
N LEU A 212 -5.41 -15.66 6.17
CA LEU A 212 -5.02 -15.41 4.82
C LEU A 212 -3.56 -14.94 4.71
N SER A 213 -2.94 -15.22 3.63
CA SER A 213 -1.59 -14.74 3.34
C SER A 213 -1.61 -13.84 2.11
N ASN A 214 -1.05 -12.64 2.26
CA ASN A 214 -0.91 -11.70 1.15
C ASN A 214 0.31 -11.96 0.28
N TYR A 215 1.05 -13.03 0.55
CA TYR A 215 2.13 -13.46 -0.33
C TYR A 215 1.57 -14.42 -1.39
N ALA A 216 0.79 -13.83 -2.31
CA ALA A 216 -0.06 -14.60 -3.22
C ALA A 216 0.74 -15.12 -4.41
N THR A 217 1.61 -16.11 -4.12
CA THR A 217 2.41 -16.73 -5.16
C THR A 217 1.59 -17.66 -6.04
N ASP A 218 0.37 -18.01 -5.64
CA ASP A 218 -0.56 -18.75 -6.49
C ASP A 218 -1.40 -17.83 -7.36
N SER A 219 -0.95 -16.60 -7.59
CA SER A 219 -1.68 -15.64 -8.41
C SER A 219 -0.72 -14.77 -9.19
N LEU A 220 0.37 -15.35 -9.66
CA LEU A 220 1.33 -14.59 -10.44
C LEU A 220 0.76 -14.26 -11.82
N VAL A 221 1.10 -13.07 -12.31
CA VAL A 221 0.66 -12.58 -13.61
C VAL A 221 1.85 -11.82 -14.21
N THR A 222 2.24 -12.16 -15.42
CA THR A 222 3.29 -11.39 -16.09
C THR A 222 2.74 -10.77 -17.36
N ALA A 223 3.23 -9.58 -17.65
CA ALA A 223 2.90 -8.84 -18.85
C ALA A 223 4.20 -8.43 -19.52
N SER A 224 4.16 -8.30 -20.84
CA SER A 224 5.37 -8.00 -21.58
C SER A 224 5.02 -7.13 -22.77
N CYS A 225 6.02 -6.39 -23.23
CA CYS A 225 5.91 -5.61 -24.44
C CYS A 225 7.18 -5.80 -25.26
N ARG A 226 7.08 -5.49 -26.55
CA ARG A 226 8.19 -5.65 -27.48
C ARG A 226 8.20 -4.43 -28.39
N ILE A 227 9.19 -3.57 -28.20
CA ILE A 227 9.21 -2.24 -28.80
C ILE A 227 10.40 -2.17 -29.75
N ALA A 228 10.12 -1.91 -31.02
CA ALA A 228 11.19 -1.70 -31.98
C ALA A 228 11.92 -0.39 -31.64
N PHE A 229 13.23 -0.39 -31.91
CA PHE A 229 14.04 0.78 -31.59
C PHE A 229 13.52 2.05 -32.25
N ARG A 230 12.89 1.92 -33.42
CA ARG A 230 12.40 3.10 -34.13
C ARG A 230 11.30 3.81 -33.36
N TYR A 231 10.59 3.10 -32.49
CA TYR A 231 9.53 3.69 -31.68
C TYR A 231 10.05 4.38 -30.43
N LEU A 232 11.32 4.18 -30.08
CA LEU A 232 11.87 4.70 -28.84
C LEU A 232 12.27 6.17 -28.96
N SER A 233 12.60 6.64 -30.16
CA SER A 233 13.02 8.01 -30.36
C SER A 233 12.37 8.56 -31.63
N ARG A 234 12.01 9.84 -31.60
CA ARG A 234 11.47 10.49 -32.79
C ARG A 234 12.54 10.64 -33.88
N GLN A 235 13.82 10.63 -33.50
CA GLN A 235 14.90 10.70 -34.49
C GLN A 235 14.99 9.43 -35.31
N LYS A 236 14.44 8.32 -34.83
CA LYS A 236 14.46 7.03 -35.53
C LYS A 236 15.88 6.56 -35.82
N ASP A 237 16.82 6.90 -34.94
CA ASP A 237 18.17 6.38 -35.04
C ASP A 237 18.84 6.40 -33.67
N GLN A 238 18.23 7.10 -32.72
CA GLN A 238 18.66 7.15 -31.33
C GLN A 238 17.97 6.11 -30.46
N GLY A 239 17.00 5.38 -31.00
CA GLY A 239 16.28 4.39 -30.21
C GLY A 239 17.15 3.29 -29.65
N ARG A 240 18.27 2.98 -30.31
CA ARG A 240 19.16 1.95 -29.80
C ARG A 240 19.82 2.39 -28.49
N GLU A 241 20.31 3.63 -28.45
CA GLU A 241 20.94 4.11 -27.22
C GLU A 241 19.94 4.24 -26.09
N ILE A 242 18.74 4.72 -26.39
CA ILE A 242 17.66 4.77 -25.40
C ILE A 242 17.34 3.37 -24.90
N ALA A 243 17.30 2.39 -25.81
CA ALA A 243 17.04 1.01 -25.42
C ALA A 243 18.15 0.47 -24.52
N GLU A 244 19.41 0.69 -24.92
CA GLU A 244 20.53 0.19 -24.14
C GLU A 244 20.55 0.80 -22.74
N LYS A 245 20.23 2.09 -22.66
CA LYS A 245 20.27 2.78 -21.38
C LYS A 245 19.09 2.41 -20.48
N ILE A 246 17.96 2.02 -21.07
CA ILE A 246 16.84 1.55 -20.26
C ILE A 246 17.15 0.15 -19.72
N ALA A 247 17.86 -0.66 -20.49
CA ALA A 247 18.28 -1.96 -19.99
C ALA A 247 19.32 -1.81 -18.88
N LEU A 248 20.22 -0.84 -19.02
CA LEU A 248 21.15 -0.55 -17.93
C LEU A 248 20.42 -0.06 -16.69
N ALA A 249 19.44 0.82 -16.86
CA ALA A 249 18.63 1.28 -15.74
C ALA A 249 17.91 0.10 -15.08
N SER A 250 17.43 -0.85 -15.88
CA SER A 250 16.76 -2.02 -15.33
C SER A 250 17.72 -2.92 -14.55
N GLN A 251 18.97 -3.05 -15.02
CA GLN A 251 19.97 -3.81 -14.28
C GLN A 251 20.49 -3.08 -13.06
N PHE A 252 20.57 -1.74 -13.10
CA PHE A 252 20.91 -1.01 -11.89
C PHE A 252 19.96 -1.37 -10.76
N ALA A 253 18.65 -1.43 -11.07
CA ALA A 253 17.65 -1.82 -10.08
C ALA A 253 17.78 -3.27 -9.63
N GLN A 254 18.41 -4.13 -10.42
CA GLN A 254 18.66 -5.49 -9.99
C GLN A 254 19.88 -5.58 -9.09
N ALA A 255 20.80 -4.62 -9.20
CA ALA A 255 22.06 -4.65 -8.48
C ALA A 255 22.04 -3.85 -7.18
N ASP A 256 21.30 -2.74 -7.11
CA ASP A 256 21.28 -1.85 -5.94
C ASP A 256 19.87 -1.76 -5.36
N PRO A 257 19.66 -2.19 -4.11
CA PRO A 257 18.32 -2.02 -3.50
C PRO A 257 17.89 -0.56 -3.36
N TYR A 258 18.85 0.36 -3.27
CA TYR A 258 18.48 1.78 -3.23
C TYR A 258 17.85 2.23 -4.53
N ARG A 259 18.23 1.61 -5.65
CA ARG A 259 17.55 1.90 -6.91
C ARG A 259 16.28 1.06 -7.05
N ALA A 260 16.33 -0.21 -6.61
CA ALA A 260 15.17 -1.09 -6.73
C ALA A 260 13.94 -0.48 -6.07
N ALA A 261 14.11 0.15 -4.91
CA ALA A 261 12.99 0.74 -4.20
C ALA A 261 12.32 1.81 -5.05
N THR A 262 13.12 2.72 -5.62
CA THR A 262 12.57 3.77 -6.47
C THR A 262 11.99 3.18 -7.75
N HIS A 263 12.72 2.25 -8.37
CA HIS A 263 12.24 1.56 -9.56
C HIS A 263 10.87 0.95 -9.32
N ASN A 264 10.72 0.19 -8.23
CA ASN A 264 9.45 -0.43 -7.92
C ASN A 264 8.41 0.56 -7.42
N LYS A 265 8.84 1.70 -6.88
CA LYS A 265 7.88 2.73 -6.47
C LYS A 265 7.18 3.32 -7.69
N GLY A 266 7.97 3.64 -8.73
CA GLY A 266 7.37 4.14 -9.96
C GLY A 266 6.38 3.18 -10.58
N ILE A 267 6.60 1.87 -10.42
CA ILE A 267 5.65 0.88 -10.92
C ILE A 267 4.31 1.06 -10.22
N PHE A 268 4.34 1.23 -8.90
CA PHE A 268 3.11 1.27 -8.11
C PHE A 268 2.47 2.64 -8.08
N ASN A 269 3.08 3.66 -8.66
CA ASN A 269 2.36 4.91 -8.91
C ASN A 269 1.17 4.65 -9.82
N GLY A 270 1.35 3.79 -10.82
CA GLY A 270 0.27 3.44 -11.72
C GLY A 270 -0.57 2.30 -11.19
N ILE A 271 0.07 1.28 -10.62
CA ILE A 271 -0.67 0.10 -10.17
C ILE A 271 -1.67 0.49 -9.09
N ASP A 272 -1.23 1.29 -8.11
CA ASP A 272 -2.15 1.72 -7.05
C ASP A 272 -3.24 2.63 -7.59
N ALA A 273 -2.93 3.43 -8.62
CA ALA A 273 -3.93 4.34 -9.19
C ALA A 273 -5.11 3.57 -9.75
N ILE A 274 -4.85 2.48 -10.48
CA ILE A 274 -5.95 1.69 -11.05
C ILE A 274 -6.55 0.76 -10.00
N LEU A 275 -5.79 0.39 -8.97
CA LEU A 275 -6.37 -0.43 -7.90
C LEU A 275 -7.40 0.36 -7.10
N ILE A 276 -7.13 1.64 -6.85
CA ILE A 276 -8.11 2.48 -6.16
C ILE A 276 -9.32 2.72 -7.05
N ALA A 277 -9.08 3.00 -8.34
CA ALA A 277 -10.18 3.25 -9.27
C ALA A 277 -11.13 2.06 -9.33
N THR A 278 -10.60 0.84 -9.32
CA THR A 278 -11.42 -0.35 -9.39
C THR A 278 -11.78 -0.91 -8.02
N GLY A 279 -11.54 -0.15 -6.96
CA GLY A 279 -11.92 -0.57 -5.63
C GLY A 279 -11.18 -1.78 -5.11
N ASN A 280 -9.92 -1.93 -5.49
CA ASN A 280 -9.12 -3.07 -5.06
C ASN A 280 -8.15 -2.67 -3.95
N ASP A 281 -7.72 -3.67 -3.19
CA ASP A 281 -6.89 -3.50 -2.00
C ASP A 281 -5.44 -3.30 -2.41
N TRP A 282 -4.99 -2.05 -2.45
CA TRP A 282 -3.61 -1.80 -2.86
C TRP A 282 -2.61 -2.17 -1.77
N ARG A 283 -3.01 -2.21 -0.50
CA ARG A 283 -2.08 -2.62 0.55
C ARG A 283 -1.70 -4.08 0.38
N ALA A 284 -2.66 -4.93 0.02
CA ALA A 284 -2.37 -6.33 -0.23
C ALA A 284 -1.45 -6.51 -1.44
N ILE A 285 -1.69 -5.74 -2.51
CA ILE A 285 -0.87 -5.88 -3.71
C ILE A 285 0.53 -5.35 -3.44
N GLU A 286 0.64 -4.21 -2.76
CA GLU A 286 1.96 -3.67 -2.42
C GLU A 286 2.77 -4.63 -1.56
N ALA A 287 2.11 -5.28 -0.59
CA ALA A 287 2.83 -6.16 0.32
C ALA A 287 3.33 -7.41 -0.38
N GLY A 288 2.45 -8.08 -1.14
CA GLY A 288 2.85 -9.30 -1.83
C GLY A 288 3.91 -9.04 -2.89
N ALA A 289 3.79 -7.92 -3.60
CA ALA A 289 4.73 -7.63 -4.68
C ALA A 289 6.10 -7.25 -4.14
N HIS A 290 6.14 -6.43 -3.09
CA HIS A 290 7.42 -6.03 -2.53
C HIS A 290 8.12 -7.18 -1.80
N ALA A 291 7.34 -8.08 -1.20
CA ALA A 291 7.92 -9.32 -0.72
C ALA A 291 8.42 -10.18 -1.87
N PHE A 292 7.71 -10.16 -3.00
CA PHE A 292 8.11 -10.90 -4.18
C PHE A 292 9.43 -10.40 -4.74
N ALA A 293 9.73 -9.11 -4.57
CA ALA A 293 10.96 -8.52 -5.09
C ALA A 293 12.21 -9.01 -4.39
N SER A 294 12.08 -9.68 -3.24
CA SER A 294 13.24 -10.21 -2.52
C SER A 294 13.21 -11.73 -2.47
N ARG A 295 12.54 -12.36 -3.45
CA ARG A 295 12.42 -13.82 -3.46
C ARG A 295 13.75 -14.51 -3.71
N ASP A 296 14.72 -13.82 -4.33
CA ASP A 296 16.02 -14.41 -4.61
C ASP A 296 17.08 -14.00 -3.60
N GLY A 297 16.68 -13.58 -2.40
CA GLY A 297 17.61 -13.25 -1.35
C GLY A 297 17.98 -11.78 -1.22
N ARG A 298 17.65 -10.96 -2.22
CA ARG A 298 17.94 -9.53 -2.15
C ARG A 298 16.79 -8.76 -2.78
N TYR A 299 16.50 -7.58 -2.22
CA TYR A 299 15.46 -6.72 -2.78
C TYR A 299 15.92 -6.15 -4.11
N GLN A 300 15.20 -6.50 -5.19
CA GLN A 300 15.56 -6.09 -6.54
C GLN A 300 14.34 -5.59 -7.28
N GLY A 301 14.60 -4.93 -8.41
CA GLY A 301 13.53 -4.42 -9.25
C GLY A 301 12.60 -5.52 -9.71
N LEU A 302 11.31 -5.18 -9.82
CA LEU A 302 10.27 -6.15 -10.11
C LEU A 302 10.07 -6.39 -11.60
N SER A 303 10.68 -5.59 -12.47
CA SER A 303 10.51 -5.73 -13.91
C SER A 303 11.87 -5.82 -14.59
N CYS A 304 11.89 -6.47 -15.75
CA CYS A 304 13.11 -6.69 -16.52
CA CYS A 304 13.11 -6.69 -16.52
C CYS A 304 12.99 -6.01 -17.87
N TRP A 305 14.06 -5.34 -18.29
CA TRP A 305 14.15 -4.73 -19.61
C TRP A 305 15.43 -5.21 -20.28
N THR A 306 15.29 -5.96 -21.37
CA THR A 306 16.43 -6.55 -22.05
C THR A 306 16.42 -6.16 -23.52
N LEU A 307 17.55 -6.43 -24.18
CA LEU A 307 17.78 -6.06 -25.57
C LEU A 307 17.74 -7.28 -26.48
N ASP A 308 17.00 -7.17 -27.58
CA ASP A 308 17.02 -8.15 -28.66
C ASP A 308 17.76 -7.51 -29.83
N LEU A 309 19.10 -7.56 -29.78
CA LEU A 309 19.91 -6.85 -30.75
C LEU A 309 19.67 -7.36 -32.17
N GLU A 310 19.35 -8.63 -32.32
CA GLU A 310 19.18 -9.20 -33.66
C GLU A 310 17.84 -8.78 -34.26
N ARG A 311 16.80 -8.69 -33.44
CA ARG A 311 15.52 -8.13 -33.85
C ARG A 311 15.44 -6.62 -33.72
N GLU A 312 16.43 -6.00 -33.06
CA GLU A 312 16.43 -4.56 -32.80
C GLU A 312 15.16 -4.15 -32.06
N GLU A 313 14.97 -4.75 -30.89
CA GLU A 313 13.78 -4.52 -30.08
C GLU A 313 14.12 -4.47 -28.61
N LEU A 314 13.43 -3.59 -27.88
CA LEU A 314 13.49 -3.52 -26.43
C LEU A 314 12.37 -4.36 -25.82
N VAL A 315 12.74 -5.26 -24.92
CA VAL A 315 11.81 -6.22 -24.33
C VAL A 315 11.63 -5.87 -22.85
N GLY A 316 10.38 -5.72 -22.42
CA GLY A 316 10.06 -5.50 -21.03
C GLY A 316 9.16 -6.59 -20.52
N GLU A 317 9.32 -6.93 -19.24
CA GLU A 317 8.59 -8.05 -18.65
C GLU A 317 8.52 -7.83 -17.14
N MET A 318 7.41 -8.23 -16.54
CA MET A 318 7.20 -8.05 -15.11
C MET A 318 6.21 -9.08 -14.62
N THR A 319 6.58 -9.84 -13.59
CA THR A 319 5.72 -10.83 -12.96
C THR A 319 5.43 -10.38 -11.54
N LEU A 320 4.15 -10.35 -11.17
CA LEU A 320 3.73 -9.88 -9.86
C LEU A 320 2.57 -10.74 -9.37
N PRO A 321 2.43 -10.91 -8.06
CA PRO A 321 1.16 -11.43 -7.52
C PRO A 321 0.09 -10.36 -7.68
N MET A 322 -1.00 -10.73 -8.34
CA MET A 322 -2.08 -9.79 -8.64
C MET A 322 -3.44 -10.44 -8.42
N PRO A 323 -3.76 -10.81 -7.17
CA PRO A 323 -5.06 -11.43 -6.87
C PRO A 323 -6.17 -10.39 -6.68
N VAL A 324 -6.44 -9.63 -7.74
CA VAL A 324 -7.46 -8.60 -7.71
C VAL A 324 -8.84 -9.23 -7.79
N ALA A 325 -9.89 -8.40 -7.69
CA ALA A 325 -11.25 -8.90 -7.65
C ALA A 325 -12.16 -7.99 -8.47
N THR A 326 -13.37 -8.50 -8.74
CA THR A 326 -14.41 -7.72 -9.41
C THR A 326 -15.72 -7.71 -8.63
N LYS A 327 -15.80 -8.45 -7.51
CA LYS A 327 -16.95 -8.45 -6.65
C LYS A 327 -16.49 -8.31 -5.20
N GLY A 328 -17.33 -7.69 -4.37
CA GLY A 328 -17.05 -7.53 -2.96
C GLY A 328 -16.36 -6.21 -2.63
N GLY A 329 -16.19 -5.99 -1.33
CA GLY A 329 -15.54 -4.75 -0.89
C GLY A 329 -16.41 -3.54 -1.20
N SER A 330 -15.76 -2.48 -1.67
CA SER A 330 -16.47 -1.27 -2.08
C SER A 330 -16.94 -1.36 -3.53
N ILE A 331 -16.67 -2.47 -4.21
CA ILE A 331 -17.18 -2.66 -5.57
C ILE A 331 -18.69 -2.81 -5.48
N GLY A 332 -19.41 -1.91 -6.15
CA GLY A 332 -20.85 -1.90 -6.08
C GLY A 332 -21.40 -1.00 -4.98
N LEU A 333 -20.54 -0.37 -4.20
CA LEU A 333 -20.94 0.60 -3.19
C LEU A 333 -20.45 2.00 -3.51
N ASN A 334 -19.20 2.12 -3.97
CA ASN A 334 -18.68 3.38 -4.49
C ASN A 334 -19.11 3.47 -5.94
N PRO A 335 -20.03 4.38 -6.27
CA PRO A 335 -20.55 4.43 -7.65
C PRO A 335 -19.47 4.68 -8.69
N ARG A 336 -18.36 5.31 -8.31
CA ARG A 336 -17.25 5.51 -9.25
C ARG A 336 -16.40 4.26 -9.40
N VAL A 337 -16.45 3.34 -8.45
CA VAL A 337 -15.75 2.06 -8.63
C VAL A 337 -16.50 1.17 -9.61
N ALA A 338 -17.82 1.11 -9.49
CA ALA A 338 -18.63 0.39 -10.48
C ALA A 338 -18.47 1.01 -11.87
N LEU A 339 -18.40 2.34 -11.93
CA LEU A 339 -18.19 3.00 -13.22
C LEU A 339 -16.84 2.64 -13.81
N SER A 340 -15.83 2.45 -12.98
CA SER A 340 -14.50 2.10 -13.48
C SER A 340 -14.50 0.71 -14.10
N HIS A 341 -15.23 -0.23 -13.50
CA HIS A 341 -15.33 -1.57 -14.08
C HIS A 341 -16.11 -1.55 -15.39
N ASP A 342 -17.22 -0.81 -15.44
CA ASP A 342 -17.97 -0.65 -16.68
C ASP A 342 -17.10 -0.04 -17.77
N LEU A 343 -16.32 0.99 -17.41
CA LEU A 343 -15.46 1.66 -18.38
C LEU A 343 -14.50 0.68 -19.05
N LEU A 344 -13.98 -0.28 -18.30
CA LEU A 344 -13.05 -1.27 -18.81
C LEU A 344 -13.74 -2.44 -19.53
N GLY A 345 -15.06 -2.37 -19.72
CA GLY A 345 -15.78 -3.46 -20.34
C GLY A 345 -16.15 -4.60 -19.39
N ASN A 346 -16.18 -4.33 -18.10
CA ASN A 346 -16.44 -5.34 -17.08
C ASN A 346 -15.55 -6.56 -17.23
N PRO A 347 -14.22 -6.40 -17.27
CA PRO A 347 -13.34 -7.55 -17.46
C PRO A 347 -13.44 -8.52 -16.30
N SER A 348 -13.08 -9.77 -16.57
CA SER A 348 -12.99 -10.74 -15.48
C SER A 348 -11.84 -10.36 -14.55
N ALA A 349 -11.80 -11.02 -13.40
CA ALA A 349 -10.70 -10.81 -12.46
C ALA A 349 -9.36 -11.12 -13.12
N ARG A 350 -9.31 -12.19 -13.91
CA ARG A 350 -8.07 -12.54 -14.61
C ARG A 350 -7.74 -11.54 -15.69
N GLU A 351 -8.75 -11.07 -16.43
CA GLU A 351 -8.51 -10.03 -17.43
C GLU A 351 -8.11 -8.71 -16.79
N LEU A 352 -8.72 -8.38 -15.65
CA LEU A 352 -8.35 -7.16 -14.93
C LEU A 352 -6.92 -7.25 -14.42
N ALA A 353 -6.51 -8.41 -13.93
CA ALA A 353 -5.14 -8.58 -13.44
C ALA A 353 -4.11 -8.34 -14.55
N GLN A 354 -4.44 -8.70 -15.79
CA GLN A 354 -3.50 -8.49 -16.88
C GLN A 354 -3.48 -7.04 -17.35
N ILE A 355 -4.58 -6.31 -17.17
CA ILE A 355 -4.57 -4.89 -17.46
C ILE A 355 -3.71 -4.14 -16.44
N ILE A 356 -3.90 -4.45 -15.15
CA ILE A 356 -3.11 -3.83 -14.10
C ILE A 356 -1.63 -4.17 -14.26
N GLU A 357 -1.32 -5.44 -14.54
CA GLU A 357 0.07 -5.83 -14.75
C GLU A 357 0.69 -5.11 -15.95
N SER A 358 -0.11 -4.81 -16.97
CA SER A 358 0.43 -4.14 -18.14
C SER A 358 0.63 -2.65 -17.89
N ILE A 359 -0.30 -2.02 -17.16
CA ILE A 359 -0.17 -0.58 -16.92
C ILE A 359 0.97 -0.30 -15.95
N GLY A 360 1.28 -1.25 -15.05
CA GLY A 360 2.45 -1.09 -14.19
C GLY A 360 3.76 -1.11 -14.96
N LEU A 361 3.87 -2.00 -15.95
CA LEU A 361 5.04 -2.00 -16.81
C LEU A 361 5.09 -0.78 -17.72
N ALA A 362 3.92 -0.29 -18.16
CA ALA A 362 3.89 0.95 -18.93
C ALA A 362 4.33 2.13 -18.08
N GLN A 363 3.85 2.20 -16.83
CA GLN A 363 4.32 3.24 -15.92
C GLN A 363 5.84 3.14 -15.71
N ASN A 364 6.34 1.93 -15.49
CA ASN A 364 7.77 1.75 -15.31
C ASN A 364 8.54 2.20 -16.55
N PHE A 365 7.99 1.93 -17.73
CA PHE A 365 8.67 2.28 -18.97
C PHE A 365 8.84 3.79 -19.12
N ALA A 366 7.77 4.55 -18.82
CA ALA A 366 7.84 5.99 -18.98
C ALA A 366 8.83 6.61 -18.00
N ALA A 367 8.93 6.06 -16.79
CA ALA A 367 9.89 6.58 -15.82
C ALA A 367 11.32 6.35 -16.29
N LEU A 368 11.62 5.11 -16.70
CA LEU A 368 12.99 4.78 -17.14
C LEU A 368 13.39 5.58 -18.36
N LYS A 369 12.46 5.77 -19.31
CA LYS A 369 12.77 6.53 -20.51
C LYS A 369 13.13 7.97 -20.18
N ALA A 370 12.47 8.55 -19.17
CA ALA A 370 12.75 9.94 -18.79
C ALA A 370 14.02 10.05 -17.96
N LEU A 371 14.21 9.17 -16.97
CA LEU A 371 15.39 9.25 -16.10
C LEU A 371 16.66 9.14 -16.92
N VAL A 372 16.61 8.35 -17.98
CA VAL A 372 17.77 8.02 -18.78
C VAL A 372 17.98 8.99 -19.94
N SER A 373 16.97 9.80 -20.27
CA SER A 373 17.08 10.74 -21.37
C SER A 373 17.01 12.14 -20.79
N THR A 374 15.83 12.77 -20.74
CA THR A 374 15.76 14.16 -20.28
C THR A 374 15.99 14.28 -18.78
N GLY A 375 15.63 13.25 -18.01
CA GLY A 375 15.65 13.36 -16.57
C GLY A 375 14.35 13.91 -16.02
N ILE A 376 14.10 13.60 -14.75
CA ILE A 376 12.92 14.09 -14.04
C ILE A 376 13.35 15.18 -13.07
N GLN A 377 13.51 16.41 -13.55
CA GLN A 377 13.90 17.52 -12.69
C GLN A 377 12.73 18.09 -11.92
N GLN A 378 11.66 18.45 -12.63
CA GLN A 378 10.44 18.94 -12.03
C GLN A 378 9.28 18.46 -12.89
N GLY A 379 9.38 18.69 -14.20
CA GLY A 379 8.32 18.28 -15.10
C GLY A 379 6.99 18.93 -14.78
N HIS A 380 7.01 20.19 -14.40
CA HIS A 380 5.79 20.89 -14.03
C HIS A 380 5.11 21.48 -15.26
N MET A 381 3.83 21.19 -15.41
CA MET A 381 3.03 21.59 -16.54
C MET A 381 2.03 22.68 -16.18
N ILE B 5 -13.82 16.62 27.82
CA ILE B 5 -14.78 15.67 27.26
C ILE B 5 -14.07 14.43 26.75
N SER B 6 -14.63 13.26 27.06
CA SER B 6 -14.02 11.99 26.70
C SER B 6 -14.60 11.47 25.39
N TRP B 7 -13.91 10.49 24.82
CA TRP B 7 -14.36 9.80 23.62
C TRP B 7 -15.13 8.53 23.93
N ASN B 8 -15.59 8.40 25.16
CA ASN B 8 -16.30 7.18 25.56
C ASN B 8 -17.66 7.13 24.88
N GLY B 9 -18.01 5.94 24.36
CA GLY B 9 -19.24 5.79 23.61
C GLY B 9 -19.20 6.38 22.22
N PHE B 10 -18.02 6.82 21.76
CA PHE B 10 -17.90 7.33 20.39
C PHE B 10 -18.21 6.24 19.38
N SER B 11 -17.94 4.97 19.73
CA SER B 11 -18.31 3.82 18.91
C SER B 11 -19.75 3.91 18.42
N LYS B 12 -20.68 4.13 19.34
CA LYS B 12 -22.10 4.01 19.07
C LYS B 12 -22.75 5.31 18.61
N LYS B 13 -21.99 6.38 18.43
CA LYS B 13 -22.57 7.64 18.02
C LYS B 13 -22.83 7.65 16.52
N SER B 14 -23.82 8.43 16.12
CA SER B 14 -24.14 8.58 14.70
C SER B 14 -23.25 9.64 14.05
N TYR B 15 -23.38 9.76 12.72
CA TYR B 15 -22.55 10.69 11.97
C TYR B 15 -22.69 12.11 12.51
N GLN B 16 -23.91 12.55 12.78
CA GLN B 16 -24.13 13.89 13.29
C GLN B 16 -23.61 14.02 14.72
N GLU B 17 -23.75 12.97 15.52
CA GLU B 17 -23.24 12.98 16.88
C GLU B 17 -21.71 12.98 16.91
N ARG B 18 -21.07 12.31 15.94
CA ARG B 18 -19.62 12.34 15.86
C ARG B 18 -19.10 13.74 15.60
N LEU B 19 -19.79 14.50 14.73
CA LEU B 19 -19.35 15.86 14.43
C LEU B 19 -19.57 16.80 15.62
N GLU B 20 -20.60 16.56 16.41
CA GLU B 20 -20.80 17.35 17.62
C GLU B 20 -19.74 17.04 18.67
N LEU B 21 -19.39 15.77 18.83
CA LEU B 21 -18.31 15.40 19.75
C LEU B 21 -16.98 16.00 19.32
N LEU B 22 -16.66 15.96 18.02
CA LEU B 22 -15.44 16.59 17.54
C LEU B 22 -15.48 18.09 17.79
N LYS B 23 -16.64 18.72 17.63
CA LYS B 23 -16.75 20.15 17.91
C LYS B 23 -16.57 20.44 19.39
N ALA B 24 -17.08 19.56 20.26
CA ALA B 24 -16.89 19.73 21.69
C ALA B 24 -15.42 19.68 22.08
N GLN B 25 -14.63 18.86 21.39
CA GLN B 25 -13.20 18.76 21.68
C GLN B 25 -12.45 20.04 21.34
N ALA B 26 -13.01 20.89 20.48
CA ALA B 26 -12.41 22.18 20.13
C ALA B 26 -11.04 21.99 19.49
N LEU B 27 -10.91 20.97 18.64
CA LEU B 27 -9.65 20.72 17.94
C LEU B 27 -9.53 21.52 16.65
N LEU B 28 -10.65 21.89 16.04
CA LEU B 28 -10.66 22.56 14.75
C LEU B 28 -11.16 23.99 14.91
N SER B 29 -10.59 24.89 14.10
CA SER B 29 -11.01 26.28 14.05
C SER B 29 -12.45 26.37 13.54
N PRO B 30 -13.12 27.51 13.68
CA PRO B 30 -14.46 27.65 13.10
C PRO B 30 -14.53 27.36 11.61
N GLU B 31 -13.51 27.75 10.84
CA GLU B 31 -13.54 27.54 9.41
C GLU B 31 -13.35 26.07 9.05
N ARG B 32 -12.45 25.37 9.74
CA ARG B 32 -12.23 23.96 9.42
C ARG B 32 -13.41 23.10 9.85
N GLN B 33 -13.98 23.39 11.03
CA GLN B 33 -15.15 22.66 11.47
C GLN B 33 -16.29 22.81 10.47
N ALA B 34 -16.57 24.04 10.05
CA ALA B 34 -17.61 24.27 9.05
C ALA B 34 -17.27 23.57 7.74
N SER B 35 -16.01 23.64 7.32
CA SER B 35 -15.57 22.93 6.12
C SER B 35 -15.88 21.44 6.22
N LEU B 36 -15.68 20.86 7.41
CA LEU B 36 -15.97 19.44 7.59
C LEU B 36 -17.48 19.17 7.64
N GLU B 37 -18.26 20.12 8.19
CA GLU B 37 -19.69 19.90 8.30
C GLU B 37 -20.39 20.03 6.97
N LYS B 38 -19.89 20.90 6.09
CA LYS B 38 -20.32 20.90 4.69
C LYS B 38 -19.76 19.72 3.91
N ASP B 39 -18.87 18.94 4.52
CA ASP B 39 -18.15 17.87 3.82
C ASP B 39 -17.48 18.40 2.57
N GLU B 40 -16.76 19.52 2.73
CA GLU B 40 -16.09 20.16 1.61
C GLU B 40 -15.05 19.23 1.02
N GLN B 41 -15.09 19.08 -0.31
CA GLN B 41 -14.18 18.23 -1.04
C GLN B 41 -13.25 19.09 -1.88
N MET B 42 -12.14 18.48 -2.32
CA MET B 42 -11.29 19.12 -3.30
C MET B 42 -12.07 19.27 -4.61
N SER B 43 -11.97 20.44 -5.22
CA SER B 43 -12.76 20.73 -6.40
C SER B 43 -12.15 20.06 -7.63
N VAL B 44 -12.95 19.95 -8.69
CA VAL B 44 -12.47 19.39 -9.94
C VAL B 44 -11.39 20.28 -10.55
N THR B 45 -11.54 21.60 -10.41
CA THR B 45 -10.51 22.50 -10.93
C THR B 45 -9.18 22.31 -10.22
N VAL B 46 -9.23 22.00 -8.91
CA VAL B 46 -7.98 21.74 -8.18
C VAL B 46 -7.41 20.40 -8.59
N ALA B 47 -8.24 19.35 -8.61
CA ALA B 47 -7.79 18.05 -9.08
C ALA B 47 -7.23 18.13 -10.50
N ASP B 48 -7.79 19.03 -11.33
CA ASP B 48 -7.26 19.24 -12.68
C ASP B 48 -5.81 19.72 -12.64
N GLN B 49 -5.41 20.38 -11.54
CA GLN B 49 -4.04 20.85 -11.41
C GLN B 49 -3.10 19.80 -10.81
N LEU B 50 -3.63 18.84 -10.06
CA LEU B 50 -2.79 17.82 -9.44
C LEU B 50 -2.49 16.64 -10.35
N SER B 51 -3.40 16.32 -11.27
CA SER B 51 -3.24 15.16 -12.14
C SER B 51 -3.52 15.59 -13.58
N GLU B 52 -3.36 14.65 -14.49
CA GLU B 52 -3.61 14.86 -15.90
C GLU B 52 -4.83 14.05 -16.33
N ASN B 53 -5.37 14.40 -17.50
CA ASN B 53 -6.58 13.78 -18.04
C ASN B 53 -7.67 13.63 -16.98
N VAL B 54 -7.83 14.64 -16.12
CA VAL B 54 -8.85 14.57 -15.07
C VAL B 54 -10.23 14.74 -15.69
N VAL B 55 -11.15 13.84 -15.34
CA VAL B 55 -12.52 13.90 -15.84
C VAL B 55 -13.49 13.78 -14.68
N GLY B 56 -13.00 13.97 -13.46
CA GLY B 56 -13.84 13.89 -12.28
C GLY B 56 -12.99 13.71 -11.03
N THR B 57 -13.67 13.34 -9.94
CA THR B 57 -13.04 13.10 -8.66
C THR B 57 -13.57 11.81 -8.06
N PHE B 58 -12.74 11.21 -7.19
CA PHE B 58 -13.00 9.93 -6.56
C PHE B 58 -13.00 10.13 -5.06
N SER B 59 -14.04 9.66 -4.38
CA SER B 59 -14.24 9.89 -2.96
CA SER B 59 -14.21 9.90 -2.96
C SER B 59 -14.03 8.62 -2.16
N LEU B 60 -13.47 8.78 -0.96
CA LEU B 60 -13.21 7.71 -0.01
C LEU B 60 -13.71 8.15 1.36
N PRO B 61 -13.96 7.21 2.27
CA PRO B 61 -14.39 7.60 3.62
C PRO B 61 -13.30 8.38 4.34
N TYR B 62 -13.72 9.16 5.34
CA TYR B 62 -12.83 9.97 6.16
C TYR B 62 -13.21 9.79 7.62
N SER B 63 -12.30 9.24 8.42
CA SER B 63 -12.63 8.82 9.77
C SER B 63 -11.65 9.39 10.78
N LEU B 64 -11.97 9.18 12.06
CA LEU B 64 -11.17 9.66 13.17
C LEU B 64 -10.76 8.48 14.05
N VAL B 65 -9.47 8.41 14.37
CA VAL B 65 -8.97 7.46 15.36
C VAL B 65 -8.60 8.26 16.60
N PRO B 66 -9.40 8.24 17.66
CA PRO B 66 -9.14 9.08 18.82
C PRO B 66 -8.20 8.46 19.84
N GLU B 67 -7.67 9.33 20.71
CA GLU B 67 -6.87 8.93 21.88
C GLU B 67 -5.57 8.24 21.48
N VAL B 68 -4.81 8.89 20.60
CA VAL B 68 -3.51 8.41 20.17
C VAL B 68 -2.46 9.16 20.99
N LEU B 69 -1.92 8.49 22.00
CA LEU B 69 -0.96 9.11 22.92
C LEU B 69 0.46 8.80 22.43
N VAL B 70 1.16 9.84 21.98
CA VAL B 70 2.52 9.71 21.47
C VAL B 70 3.41 10.66 22.25
N ASN B 71 4.35 10.11 23.03
CA ASN B 71 5.31 10.90 23.81
C ASN B 71 4.59 11.82 24.80
N GLY B 72 3.55 11.30 25.44
CA GLY B 72 2.78 12.10 26.37
C GLY B 72 1.84 13.11 25.74
N GLN B 73 1.82 13.22 24.41
CA GLN B 73 0.92 14.12 23.71
C GLN B 73 -0.17 13.29 23.03
N GLU B 74 -1.42 13.65 23.28
CA GLU B 74 -2.57 12.91 22.75
C GLU B 74 -3.07 13.56 21.46
N TYR B 75 -3.47 12.73 20.51
CA TYR B 75 -3.90 13.18 19.19
C TYR B 75 -5.21 12.52 18.80
N THR B 76 -5.91 13.17 17.89
CA THR B 76 -7.05 12.60 17.17
C THR B 76 -6.59 12.40 15.73
N VAL B 77 -6.43 11.14 15.32
CA VAL B 77 -5.81 10.82 14.04
C VAL B 77 -6.86 10.74 12.93
N PRO B 78 -6.62 11.37 11.77
CA PRO B 78 -7.54 11.22 10.65
C PRO B 78 -7.18 10.04 9.76
N TYR B 79 -8.17 9.21 9.42
CA TYR B 79 -7.98 8.04 8.58
C TYR B 79 -8.78 8.17 7.30
N VAL B 80 -8.21 7.68 6.19
CA VAL B 80 -8.91 7.54 4.93
C VAL B 80 -8.74 6.09 4.49
N THR B 81 -9.75 5.27 4.76
CA THR B 81 -9.71 3.87 4.36
C THR B 81 -11.10 3.42 3.93
N GLU B 82 -11.12 2.49 2.98
CA GLU B 82 -12.36 1.91 2.49
C GLU B 82 -12.60 0.52 3.06
N GLU B 83 -11.72 0.05 3.96
CA GLU B 83 -11.79 -1.31 4.47
C GLU B 83 -12.45 -1.33 5.84
N PRO B 84 -13.54 -2.08 6.02
CA PRO B 84 -14.17 -2.16 7.34
C PRO B 84 -13.22 -2.73 8.40
N SER B 85 -13.44 -2.28 9.64
CA SER B 85 -12.79 -2.67 10.88
C SER B 85 -11.42 -2.06 11.06
N VAL B 86 -10.83 -1.41 10.05
CA VAL B 86 -9.51 -0.82 10.21
C VAL B 86 -9.54 0.31 11.22
N VAL B 87 -10.50 1.23 11.08
CA VAL B 87 -10.62 2.34 12.02
C VAL B 87 -10.99 1.83 13.41
N ALA B 88 -11.94 0.90 13.49
CA ALA B 88 -12.33 0.36 14.79
C ALA B 88 -11.15 -0.32 15.47
N ALA B 89 -10.31 -1.02 14.70
CA ALA B 89 -9.17 -1.73 15.28
C ALA B 89 -8.11 -0.76 15.78
N ALA B 90 -7.84 0.30 15.01
CA ALA B 90 -6.88 1.30 15.45
C ALA B 90 -7.39 2.07 16.65
N SER B 91 -8.69 2.33 16.70
CA SER B 91 -9.28 3.01 17.84
C SER B 91 -9.22 2.15 19.10
N TYR B 92 -9.55 0.86 18.97
CA TYR B 92 -9.46 -0.06 20.09
C TYR B 92 -8.02 -0.18 20.59
N ALA B 93 -7.09 -0.34 19.67
CA ALA B 93 -5.68 -0.48 20.06
C ALA B 93 -5.15 0.82 20.66
N SER B 94 -5.60 1.96 20.16
CA SER B 94 -5.11 3.24 20.66
C SER B 94 -5.58 3.47 22.10
N LYS B 95 -6.81 3.05 22.41
CA LYS B 95 -7.35 3.23 23.76
C LYS B 95 -6.58 2.38 24.76
N ILE B 96 -6.37 1.10 24.43
CA ILE B 96 -5.66 0.20 25.33
C ILE B 96 -4.24 0.70 25.58
N ILE B 97 -3.55 1.05 24.50
CA ILE B 97 -2.15 1.47 24.62
C ILE B 97 -2.05 2.82 25.33
N LYS B 98 -3.06 3.68 25.18
CA LYS B 98 -3.10 4.90 25.97
C LYS B 98 -3.17 4.60 27.46
N ARG B 99 -3.99 3.63 27.85
CA ARG B 99 -4.03 3.20 29.24
C ARG B 99 -2.69 2.67 29.70
N ALA B 100 -1.92 2.05 28.82
CA ALA B 100 -0.61 1.52 29.14
C ALA B 100 0.49 2.57 29.05
N GLY B 101 0.13 3.85 28.97
CA GLY B 101 1.09 4.92 28.94
C GLY B 101 1.33 5.54 27.58
N GLY B 102 0.73 4.98 26.52
CA GLY B 102 0.89 5.53 25.19
C GLY B 102 2.16 5.04 24.52
N PHE B 103 2.49 5.70 23.42
CA PHE B 103 3.64 5.35 22.61
C PHE B 103 4.82 6.25 22.93
N THR B 104 6.02 5.68 22.84
CA THR B 104 7.26 6.43 22.89
C THR B 104 7.93 6.29 21.52
N ALA B 105 8.27 7.42 20.91
CA ALA B 105 8.76 7.40 19.53
C ALA B 105 9.85 8.44 19.34
N GLN B 106 10.75 8.14 18.39
CA GLN B 106 11.85 9.04 18.09
C GLN B 106 12.16 8.98 16.60
N VAL B 107 12.81 10.04 16.12
CA VAL B 107 13.31 10.12 14.76
C VAL B 107 14.83 10.04 14.84
N HIS B 108 15.39 8.93 14.36
CA HIS B 108 16.83 8.75 14.40
C HIS B 108 17.54 9.77 13.51
N GLN B 109 17.08 9.91 12.28
CA GLN B 109 17.68 10.81 11.30
C GLN B 109 16.56 11.28 10.38
N ARG B 110 16.82 12.39 9.67
CA ARG B 110 15.87 12.87 8.67
C ARG B 110 16.69 13.48 7.51
N GLN B 111 17.16 12.60 6.62
CA GLN B 111 17.88 13.00 5.42
C GLN B 111 17.40 12.13 4.27
N MET B 112 17.38 12.71 3.08
CA MET B 112 17.03 11.98 1.87
CA MET B 112 17.02 11.98 1.86
C MET B 112 18.29 11.64 1.08
N ILE B 113 18.31 10.43 0.51
CA ILE B 113 19.48 9.93 -0.19
C ILE B 113 19.24 10.05 -1.69
N GLY B 114 20.17 10.71 -2.39
CA GLY B 114 20.17 10.69 -3.85
C GLY B 114 21.34 9.88 -4.38
N GLN B 115 21.23 9.39 -5.60
CA GLN B 115 22.29 8.56 -6.17
C GLN B 115 22.48 8.88 -7.65
N VAL B 116 23.72 8.81 -8.08
CA VAL B 116 24.09 8.94 -9.49
C VAL B 116 24.78 7.65 -9.89
N ALA B 117 24.22 6.98 -10.91
CA ALA B 117 24.79 5.74 -11.43
C ALA B 117 25.73 6.05 -12.58
N LEU B 118 26.95 5.55 -12.49
CA LEU B 118 27.94 5.70 -13.54
C LEU B 118 28.27 4.33 -14.12
N TYR B 119 28.54 4.31 -15.42
CA TYR B 119 28.90 3.08 -16.12
C TYR B 119 29.93 3.41 -17.20
N GLN B 120 30.51 2.35 -17.77
CA GLN B 120 31.61 2.48 -18.73
C GLN B 120 32.80 3.19 -18.09
N VAL B 121 33.10 2.83 -16.85
CA VAL B 121 34.23 3.38 -16.11
C VAL B 121 35.42 2.46 -16.34
N ALA B 122 36.48 2.99 -16.95
CA ALA B 122 37.65 2.17 -17.26
C ALA B 122 38.25 1.56 -16.00
N ASN B 123 38.55 2.40 -15.02
CA ASN B 123 39.09 1.93 -13.74
C ASN B 123 38.17 2.42 -12.62
N PRO B 124 37.23 1.61 -12.15
CA PRO B 124 36.36 2.05 -11.05
C PRO B 124 37.11 2.28 -9.76
N LYS B 125 38.20 1.55 -9.52
CA LYS B 125 38.94 1.71 -8.26
C LYS B 125 39.60 3.08 -8.18
N LEU B 126 40.31 3.49 -9.24
CA LEU B 126 40.91 4.81 -9.25
C LEU B 126 39.84 5.90 -9.25
N ALA B 127 38.77 5.69 -10.02
CA ALA B 127 37.67 6.65 -10.04
C ALA B 127 36.97 6.73 -8.70
N GLN B 128 36.83 5.59 -8.01
CA GLN B 128 36.24 5.60 -6.67
C GLN B 128 37.05 6.45 -5.71
N GLU B 129 38.37 6.28 -5.71
CA GLU B 129 39.23 7.03 -4.81
C GLU B 129 39.44 8.46 -5.28
N LYS B 130 39.41 8.70 -6.59
CA LYS B 130 39.52 10.07 -7.08
C LYS B 130 38.29 10.88 -6.71
N ILE B 131 37.10 10.30 -6.84
CA ILE B 131 35.89 11.01 -6.46
C ILE B 131 35.82 11.12 -4.94
N ALA B 132 36.22 10.07 -4.23
CA ALA B 132 36.21 10.11 -2.77
C ALA B 132 37.19 11.15 -2.24
N SER B 133 38.37 11.27 -2.85
CA SER B 133 39.35 12.23 -2.37
C SER B 133 38.99 13.67 -2.72
N LYS B 134 37.94 13.87 -3.53
CA LYS B 134 37.37 15.19 -3.77
C LYS B 134 35.98 15.30 -3.13
N LYS B 135 35.70 14.46 -2.14
CA LYS B 135 34.45 14.55 -1.37
C LYS B 135 34.20 15.98 -0.90
N ALA B 136 35.23 16.62 -0.34
CA ALA B 136 35.07 17.96 0.22
C ALA B 136 34.65 18.95 -0.86
N GLU B 137 35.35 18.94 -2.01
CA GLU B 137 35.01 19.86 -3.08
C GLU B 137 33.66 19.51 -3.69
N LEU B 138 33.34 18.22 -3.77
CA LEU B 138 32.05 17.81 -4.34
C LEU B 138 30.90 18.25 -3.46
N LEU B 139 31.06 18.12 -2.13
CA LEU B 139 30.01 18.59 -1.23
C LEU B 139 30.02 20.11 -1.12
N GLU B 140 31.20 20.73 -1.19
CA GLU B 140 31.26 22.19 -1.24
C GLU B 140 30.60 22.72 -2.50
N LEU B 141 30.75 22.01 -3.62
CA LEU B 141 30.04 22.39 -4.83
C LEU B 141 28.53 22.31 -4.63
N ALA B 142 28.06 21.22 -4.01
CA ALA B 142 26.64 21.03 -3.78
C ALA B 142 26.06 22.01 -2.76
N ASN B 143 26.90 22.58 -1.90
CA ASN B 143 26.50 23.52 -0.87
C ASN B 143 26.65 24.98 -1.26
N GLN B 144 27.10 25.29 -2.48
CA GLN B 144 27.50 26.67 -2.79
C GLN B 144 26.34 27.64 -2.96
N ALA B 145 25.13 27.16 -3.25
CA ALA B 145 23.96 28.03 -3.30
C ALA B 145 23.17 28.05 -2.00
N TYR B 146 23.62 27.31 -0.99
CA TYR B 146 22.96 27.28 0.32
C TYR B 146 24.00 27.46 1.42
N PRO B 147 24.65 28.62 1.47
CA PRO B 147 25.83 28.78 2.34
C PRO B 147 25.53 28.86 3.83
N SER B 148 24.36 29.34 4.24
CA SER B 148 24.15 29.57 5.66
C SER B 148 22.71 29.36 6.09
N ILE B 149 21.75 29.70 5.23
CA ILE B 149 20.35 29.47 5.62
C ILE B 149 20.07 27.99 5.67
N VAL B 150 20.81 27.18 4.92
CA VAL B 150 20.72 25.73 5.00
C VAL B 150 21.91 25.12 5.71
N LYS B 151 23.12 25.62 5.44
CA LYS B 151 24.35 25.06 6.00
C LYS B 151 24.50 25.29 7.51
N ARG B 152 23.41 25.06 8.24
CA ARG B 152 23.37 25.16 9.70
C ARG B 152 23.12 23.78 10.29
N GLY B 153 23.73 22.78 9.66
CA GLY B 153 23.48 21.38 9.93
C GLY B 153 22.68 20.72 8.84
N GLY B 154 22.14 21.50 7.91
CA GLY B 154 21.41 20.96 6.78
C GLY B 154 22.24 21.06 5.52
N GLY B 155 21.61 20.73 4.40
CA GLY B 155 22.33 20.78 3.14
C GLY B 155 22.87 19.41 2.81
N ALA B 156 23.71 19.37 1.78
CA ALA B 156 24.40 18.12 1.49
C ALA B 156 25.42 17.88 2.59
N ARG B 157 25.27 16.78 3.32
CA ARG B 157 26.08 16.54 4.51
C ARG B 157 27.15 15.48 4.29
N ASP B 158 26.82 14.41 3.57
CA ASP B 158 27.77 13.33 3.35
C ASP B 158 27.70 12.91 1.89
N LEU B 159 28.80 12.31 1.42
CA LEU B 159 28.89 11.77 0.08
C LEU B 159 29.87 10.61 0.14
N HIS B 160 29.61 9.59 -0.68
CA HIS B 160 30.53 8.47 -0.78
C HIS B 160 30.24 7.69 -2.05
N VAL B 161 31.27 6.98 -2.52
CA VAL B 161 31.21 6.21 -3.75
C VAL B 161 31.35 4.73 -3.38
N GLU B 162 30.64 3.88 -4.11
CA GLU B 162 30.66 2.45 -3.86
C GLU B 162 30.66 1.71 -5.18
N GLN B 163 31.39 0.59 -5.21
CA GLN B 163 31.44 -0.28 -6.40
C GLN B 163 30.39 -1.36 -6.22
N ILE B 164 29.34 -1.31 -7.01
CA ILE B 164 28.27 -2.29 -6.95
C ILE B 164 28.51 -3.31 -8.05
N LYS B 165 28.79 -4.54 -7.65
CA LYS B 165 29.10 -5.61 -8.56
C LYS B 165 27.84 -6.09 -9.26
N GLY B 166 28.04 -6.85 -10.33
CA GLY B 166 26.94 -7.40 -11.11
C GLY B 166 27.19 -7.39 -12.59
N GLU B 167 26.12 -7.29 -13.37
CA GLU B 167 26.21 -7.30 -14.84
C GLU B 167 25.38 -6.14 -15.39
N PRO B 168 26.01 -5.01 -15.73
CA PRO B 168 27.44 -4.79 -15.55
C PRO B 168 27.77 -4.27 -14.16
N ASP B 169 29.01 -3.77 -13.98
CA ASP B 169 29.41 -3.17 -12.72
C ASP B 169 29.11 -1.67 -12.79
N PHE B 170 28.51 -1.16 -11.72
CA PHE B 170 28.15 0.25 -11.63
C PHE B 170 29.01 0.92 -10.57
N LEU B 171 29.34 2.18 -10.80
CA LEU B 171 29.96 3.04 -9.79
C LEU B 171 28.90 4.05 -9.35
N VAL B 172 28.40 3.91 -8.12
CA VAL B 172 27.27 4.69 -7.64
C VAL B 172 27.75 5.70 -6.60
N VAL B 173 27.34 6.95 -6.76
CA VAL B 173 27.65 8.03 -5.84
C VAL B 173 26.38 8.36 -5.08
N TYR B 174 26.43 8.27 -3.76
CA TYR B 174 25.28 8.58 -2.92
C TYR B 174 25.51 9.91 -2.23
N ILE B 175 24.51 10.78 -2.28
CA ILE B 175 24.54 12.06 -1.59
C ILE B 175 23.47 12.05 -0.51
N HIS B 176 23.80 12.60 0.66
CA HIS B 176 22.89 12.66 1.80
C HIS B 176 22.56 14.12 2.09
N VAL B 177 21.29 14.47 1.98
CA VAL B 177 20.84 15.85 2.04
C VAL B 177 19.77 15.99 3.11
N ASP B 178 19.85 17.05 3.91
CA ASP B 178 18.84 17.34 4.91
C ASP B 178 17.55 17.81 4.25
N THR B 179 16.44 17.14 4.59
CA THR B 179 15.21 17.26 3.81
C THR B 179 14.37 18.51 4.13
N GLN B 180 14.41 18.99 5.36
CA GLN B 180 13.53 20.04 5.86
C GLN B 180 12.07 19.60 5.82
N GLU B 181 11.14 20.57 5.87
CA GLU B 181 9.73 20.25 6.04
C GLU B 181 8.98 19.95 4.74
N ALA B 182 9.47 20.42 3.60
CA ALA B 182 8.73 20.30 2.36
C ALA B 182 9.14 19.07 1.56
N MET B 183 8.17 18.53 0.81
CA MET B 183 8.42 17.46 -0.14
C MET B 183 8.97 18.03 -1.44
N GLY B 184 10.04 18.82 -1.36
CA GLY B 184 10.66 19.37 -2.54
C GLY B 184 12.02 18.77 -2.87
N ALA B 185 12.09 18.03 -3.97
CA ALA B 185 13.35 17.54 -4.49
C ALA B 185 14.16 18.63 -5.19
N ASN B 186 13.64 19.86 -5.23
CA ASN B 186 14.39 20.97 -5.81
C ASN B 186 15.79 21.09 -5.20
N MET B 187 15.88 20.92 -3.88
CA MET B 187 17.18 20.82 -3.23
C MET B 187 18.03 19.70 -3.87
N LEU B 188 17.47 18.48 -3.96
CA LEU B 188 18.25 17.33 -4.43
C LEU B 188 18.69 17.52 -5.88
N ASN B 189 17.74 17.84 -6.76
CA ASN B 189 18.03 17.92 -8.19
C ASN B 189 19.01 19.04 -8.52
N THR B 190 19.03 20.10 -7.72
CA THR B 190 20.03 21.14 -7.92
C THR B 190 21.44 20.62 -7.65
N MET B 191 21.58 19.81 -6.59
CA MET B 191 22.89 19.25 -6.27
C MET B 191 23.28 18.16 -7.24
N LEU B 192 22.32 17.30 -7.61
CA LEU B 192 22.60 16.21 -8.55
C LEU B 192 22.99 16.75 -9.93
N GLU B 193 22.20 17.71 -10.43
CA GLU B 193 22.42 18.23 -11.78
C GLU B 193 23.81 18.82 -11.97
N ALA B 194 24.40 19.34 -10.90
CA ALA B 194 25.75 19.88 -10.98
C ALA B 194 26.82 18.84 -10.71
N LEU B 195 26.50 17.81 -9.92
CA LEU B 195 27.50 16.78 -9.64
C LEU B 195 27.68 15.81 -10.81
N LYS B 196 26.61 15.56 -11.58
CA LYS B 196 26.72 14.62 -12.70
C LYS B 196 27.83 14.98 -13.67
N PRO B 197 27.94 16.22 -14.19
CA PRO B 197 29.05 16.52 -15.10
C PRO B 197 30.41 16.33 -14.45
N VAL B 198 30.54 16.66 -13.17
CA VAL B 198 31.83 16.52 -12.50
C VAL B 198 32.13 15.05 -12.26
N LEU B 199 31.13 14.27 -11.83
CA LEU B 199 31.36 12.85 -11.57
C LEU B 199 31.73 12.10 -12.84
N GLU B 200 31.14 12.50 -13.98
CA GLU B 200 31.55 11.91 -15.25
C GLU B 200 33.01 12.21 -15.56
N GLU B 201 33.44 13.46 -15.30
CA GLU B 201 34.82 13.82 -15.60
C GLU B 201 35.80 13.14 -14.64
N LEU B 202 35.46 13.08 -13.35
CA LEU B 202 36.36 12.46 -12.38
C LEU B 202 36.49 10.96 -12.61
N SER B 203 35.42 10.31 -13.06
CA SER B 203 35.43 8.86 -13.25
C SER B 203 35.76 8.44 -14.67
N GLN B 204 35.76 9.37 -15.64
CA GLN B 204 35.92 9.04 -17.05
C GLN B 204 34.86 8.04 -17.51
N GLY B 205 33.70 8.04 -16.85
CA GLY B 205 32.58 7.21 -17.24
C GLY B 205 31.40 8.02 -17.77
N GLN B 206 30.28 7.32 -17.92
CA GLN B 206 29.04 7.92 -18.40
C GLN B 206 27.98 7.82 -17.32
N SER B 207 27.21 8.89 -17.16
CA SER B 207 26.14 8.93 -16.16
C SER B 207 24.87 8.29 -16.72
N LEU B 208 24.32 7.33 -15.97
CA LEU B 208 23.08 6.67 -16.36
C LEU B 208 21.85 7.40 -15.87
N MET B 209 21.87 7.87 -14.61
CA MET B 209 20.72 8.53 -14.03
C MET B 209 21.16 9.19 -12.73
N GLY B 210 20.46 10.26 -12.37
CA GLY B 210 20.61 10.91 -11.09
C GLY B 210 19.25 11.08 -10.47
N ILE B 211 18.92 10.26 -9.46
CA ILE B 211 17.56 10.19 -8.96
C ILE B 211 17.57 9.97 -7.45
N LEU B 212 16.56 10.55 -6.80
CA LEU B 212 16.22 10.22 -5.41
C LEU B 212 16.04 8.72 -5.25
N SER B 213 16.37 8.21 -4.07
CA SER B 213 16.11 6.83 -3.70
C SER B 213 15.03 6.79 -2.62
N ASN B 214 13.99 5.98 -2.85
CA ASN B 214 12.93 5.80 -1.87
C ASN B 214 13.27 4.77 -0.79
N TYR B 215 14.49 4.24 -0.79
CA TYR B 215 14.99 3.41 0.29
C TYR B 215 15.63 4.32 1.35
N ALA B 216 14.77 5.05 2.04
CA ALA B 216 15.18 6.17 2.89
C ALA B 216 15.67 5.69 4.24
N THR B 217 16.85 5.05 4.22
CA THR B 217 17.47 4.59 5.46
C THR B 217 18.04 5.72 6.29
N ASP B 218 18.15 6.93 5.74
CA ASP B 218 18.51 8.12 6.50
C ASP B 218 17.28 8.81 7.09
N SER B 219 16.16 8.10 7.24
CA SER B 219 14.94 8.69 7.77
C SER B 219 14.20 7.66 8.61
N LEU B 220 14.94 6.84 9.35
CA LEU B 220 14.33 5.82 10.19
C LEU B 220 13.63 6.47 11.38
N VAL B 221 12.52 5.85 11.78
CA VAL B 221 11.71 6.30 12.89
C VAL B 221 11.24 5.07 13.66
N THR B 222 11.43 5.08 14.98
CA THR B 222 10.99 3.97 15.82
C THR B 222 9.93 4.44 16.80
N ALA B 223 8.94 3.58 17.02
CA ALA B 223 7.90 3.78 18.01
C ALA B 223 7.80 2.51 18.84
N SER B 224 7.36 2.64 20.08
CA SER B 224 7.26 1.49 20.95
C SER B 224 6.12 1.68 21.92
N CYS B 225 5.61 0.57 22.43
CA CYS B 225 4.63 0.58 23.49
C CYS B 225 5.02 -0.48 24.52
N ARG B 226 4.47 -0.33 25.71
CA ARG B 226 4.77 -1.21 26.84
C ARG B 226 3.46 -1.43 27.58
N ILE B 227 2.90 -2.64 27.45
CA ILE B 227 1.53 -2.92 27.88
C ILE B 227 1.58 -3.96 28.98
N ALA B 228 1.09 -3.60 30.16
CA ALA B 228 1.00 -4.57 31.24
C ALA B 228 -0.01 -5.66 30.89
N PHE B 229 0.28 -6.88 31.36
CA PHE B 229 -0.57 -8.01 31.05
C PHE B 229 -2.00 -7.78 31.51
N ARG B 230 -2.20 -7.00 32.58
CA ARG B 230 -3.53 -6.76 33.10
C ARG B 230 -4.40 -5.99 32.10
N TYR B 231 -3.78 -5.24 31.20
CA TYR B 231 -4.52 -4.50 30.19
C TYR B 231 -4.87 -5.33 28.97
N LEU B 232 -4.27 -6.52 28.80
CA LEU B 232 -4.51 -7.30 27.60
C LEU B 232 -5.80 -8.13 27.69
N SER B 233 -6.18 -8.58 28.88
CA SER B 233 -7.38 -9.39 29.03
C SER B 233 -8.10 -9.02 30.32
N ARG B 234 -9.43 -9.01 30.24
CA ARG B 234 -10.24 -8.81 31.43
C ARG B 234 -10.19 -10.03 32.36
N GLN B 235 -9.87 -11.20 31.82
CA GLN B 235 -9.78 -12.42 32.60
C GLN B 235 -8.59 -12.37 33.55
N LYS B 236 -8.56 -13.29 34.49
CA LYS B 236 -7.48 -13.39 35.47
C LYS B 236 -6.37 -14.26 34.90
N ASP B 237 -5.19 -13.67 34.74
CA ASP B 237 -3.95 -14.32 34.30
C ASP B 237 -3.95 -14.67 32.82
N GLN B 238 -5.05 -14.45 32.10
CA GLN B 238 -5.04 -14.75 30.68
C GLN B 238 -4.45 -13.62 29.84
N GLY B 239 -4.19 -12.46 30.45
CA GLY B 239 -3.48 -11.41 29.74
C GLY B 239 -2.07 -11.82 29.40
N ARG B 240 -1.46 -12.67 30.24
CA ARG B 240 -0.13 -13.19 29.95
C ARG B 240 -0.15 -14.16 28.77
N GLU B 241 -1.17 -15.02 28.71
CA GLU B 241 -1.27 -15.97 27.61
C GLU B 241 -1.50 -15.25 26.29
N ILE B 242 -2.35 -14.22 26.29
CA ILE B 242 -2.51 -13.40 25.09
C ILE B 242 -1.19 -12.74 24.73
N ALA B 243 -0.44 -12.27 25.72
CA ALA B 243 0.86 -11.67 25.46
C ALA B 243 1.82 -12.69 24.85
N GLU B 244 1.84 -13.90 25.40
CA GLU B 244 2.70 -14.95 24.85
C GLU B 244 2.34 -15.26 23.41
N LYS B 245 1.04 -15.29 23.10
CA LYS B 245 0.61 -15.62 21.75
C LYS B 245 0.87 -14.48 20.78
N ILE B 246 0.87 -13.24 21.26
CA ILE B 246 1.19 -12.12 20.38
C ILE B 246 2.68 -12.08 20.09
N ALA B 247 3.51 -12.45 21.06
CA ALA B 247 4.95 -12.55 20.81
C ALA B 247 5.26 -13.71 19.87
N LEU B 248 4.54 -14.83 20.03
CA LEU B 248 4.68 -15.94 19.10
C LEU B 248 4.26 -15.52 17.69
N ALA B 249 3.17 -14.78 17.59
CA ALA B 249 2.72 -14.27 16.29
C ALA B 249 3.80 -13.40 15.65
N SER B 250 4.50 -12.60 16.45
CA SER B 250 5.59 -11.77 15.91
C SER B 250 6.77 -12.63 15.45
N GLN B 251 7.03 -13.74 16.12
CA GLN B 251 8.11 -14.62 15.68
C GLN B 251 7.72 -15.37 14.42
N PHE B 252 6.44 -15.74 14.29
CA PHE B 252 5.97 -16.36 13.06
C PHE B 252 6.22 -15.45 11.85
N ALA B 253 5.92 -14.15 11.99
CA ALA B 253 6.18 -13.22 10.90
C ALA B 253 7.67 -13.08 10.62
N GLN B 254 8.53 -13.42 11.58
CA GLN B 254 9.96 -13.42 11.34
C GLN B 254 10.43 -14.70 10.64
N ALA B 255 9.66 -15.78 10.78
CA ALA B 255 10.07 -17.08 10.27
C ALA B 255 9.53 -17.39 8.88
N ASP B 256 8.31 -16.94 8.58
CA ASP B 256 7.65 -17.29 7.32
C ASP B 256 7.31 -16.04 6.54
N PRO B 257 7.86 -15.85 5.34
CA PRO B 257 7.48 -14.69 4.52
C PRO B 257 6.01 -14.68 4.13
N TYR B 258 5.36 -15.84 4.10
CA TYR B 258 3.92 -15.86 3.85
C TYR B 258 3.16 -15.20 4.97
N ARG B 259 3.69 -15.26 6.19
CA ARG B 259 3.09 -14.51 7.30
C ARG B 259 3.59 -13.07 7.33
N ALA B 260 4.87 -12.86 7.02
CA ALA B 260 5.42 -11.51 7.05
C ALA B 260 4.64 -10.56 6.13
N ALA B 261 4.27 -11.02 4.94
CA ALA B 261 3.54 -10.18 4.00
C ALA B 261 2.21 -9.72 4.59
N THR B 262 1.44 -10.66 5.15
CA THR B 262 0.17 -10.31 5.77
C THR B 262 0.37 -9.45 7.01
N HIS B 263 1.36 -9.81 7.84
CA HIS B 263 1.72 -9.03 9.01
C HIS B 263 1.98 -7.57 8.64
N ASN B 264 2.85 -7.35 7.65
CA ASN B 264 3.19 -5.99 7.25
C ASN B 264 2.06 -5.31 6.48
N LYS B 265 1.18 -6.09 5.85
CA LYS B 265 0.03 -5.49 5.19
C LYS B 265 -0.92 -4.88 6.20
N GLY B 266 -1.20 -5.59 7.30
CA GLY B 266 -2.02 -5.04 8.35
C GLY B 266 -1.45 -3.76 8.93
N ILE B 267 -0.12 -3.65 8.98
CA ILE B 267 0.51 -2.43 9.44
C ILE B 267 0.12 -1.27 8.53
N PHE B 268 0.14 -1.50 7.21
CA PHE B 268 -0.06 -0.42 6.27
C PHE B 268 -1.52 -0.13 5.96
N ASN B 269 -2.46 -0.91 6.50
CA ASN B 269 -3.85 -0.49 6.46
C ASN B 269 -4.03 0.82 7.22
N GLY B 270 -3.32 0.98 8.33
CA GLY B 270 -3.39 2.20 9.10
C GLY B 270 -2.42 3.26 8.61
N ILE B 271 -1.19 2.84 8.25
CA ILE B 271 -0.19 3.81 7.84
C ILE B 271 -0.65 4.56 6.59
N ASP B 272 -1.17 3.82 5.61
CA ASP B 272 -1.66 4.46 4.39
C ASP B 272 -2.90 5.31 4.65
N ALA B 273 -3.74 4.91 5.62
CA ALA B 273 -4.93 5.69 5.92
C ALA B 273 -4.55 7.10 6.40
N ILE B 274 -3.56 7.20 7.29
CA ILE B 274 -3.14 8.52 7.77
C ILE B 274 -2.23 9.22 6.76
N LEU B 275 -1.54 8.46 5.92
CA LEU B 275 -0.73 9.08 4.86
C LEU B 275 -1.61 9.74 3.82
N ILE B 276 -2.75 9.11 3.49
CA ILE B 276 -3.67 9.73 2.53
C ILE B 276 -4.33 10.96 3.14
N ALA B 277 -4.77 10.86 4.40
CA ALA B 277 -5.41 11.99 5.06
C ALA B 277 -4.48 13.20 5.10
N THR B 278 -3.20 12.97 5.35
CA THR B 278 -2.22 14.04 5.45
C THR B 278 -1.54 14.36 4.13
N GLY B 279 -2.04 13.81 3.02
CA GLY B 279 -1.50 14.12 1.70
C GLY B 279 -0.09 13.64 1.47
N ASN B 280 0.28 12.50 2.04
CA ASN B 280 1.63 11.98 1.86
C ASN B 280 1.66 10.82 0.87
N ASP B 281 2.84 10.61 0.29
CA ASP B 281 3.07 9.65 -0.77
C ASP B 281 3.19 8.26 -0.15
N TRP B 282 2.11 7.49 -0.20
CA TRP B 282 2.15 6.16 0.39
C TRP B 282 2.95 5.17 -0.43
N ARG B 283 3.08 5.39 -1.75
CA ARG B 283 3.89 4.48 -2.56
C ARG B 283 5.36 4.54 -2.13
N ALA B 284 5.85 5.74 -1.83
CA ALA B 284 7.23 5.87 -1.35
C ALA B 284 7.41 5.19 0.00
N ILE B 285 6.44 5.37 0.91
CA ILE B 285 6.55 4.77 2.23
C ILE B 285 6.43 3.25 2.15
N GLU B 286 5.49 2.76 1.35
CA GLU B 286 5.32 1.31 1.18
C GLU B 286 6.60 0.68 0.62
N ALA B 287 7.23 1.33 -0.35
CA ALA B 287 8.41 0.76 -0.99
C ALA B 287 9.60 0.73 -0.04
N GLY B 288 9.90 1.86 0.61
CA GLY B 288 11.02 1.90 1.52
C GLY B 288 10.86 0.95 2.70
N ALA B 289 9.64 0.85 3.22
CA ALA B 289 9.42 -0.02 4.36
C ALA B 289 9.49 -1.49 3.97
N HIS B 290 8.88 -1.84 2.85
CA HIS B 290 8.89 -3.24 2.43
C HIS B 290 10.28 -3.69 1.98
N ALA B 291 11.06 -2.79 1.38
CA ALA B 291 12.47 -3.09 1.15
C ALA B 291 13.23 -3.21 2.47
N PHE B 292 12.86 -2.39 3.45
CA PHE B 292 13.47 -2.47 4.77
C PHE B 292 13.17 -3.79 5.45
N ALA B 293 12.02 -4.40 5.12
CA ALA B 293 11.61 -5.66 5.71
C ALA B 293 12.48 -6.85 5.30
N SER B 294 13.31 -6.71 4.27
CA SER B 294 14.20 -7.78 3.85
C SER B 294 15.66 -7.40 3.98
N ARG B 295 15.99 -6.44 4.86
CA ARG B 295 17.36 -5.98 4.95
C ARG B 295 18.32 -7.04 5.48
N ASP B 296 17.81 -8.05 6.18
CA ASP B 296 18.66 -9.09 6.75
C ASP B 296 18.67 -10.37 5.90
N GLY B 297 18.36 -10.25 4.60
CA GLY B 297 18.45 -11.36 3.68
C GLY B 297 17.15 -12.11 3.44
N ARG B 298 16.14 -11.89 4.26
CA ARG B 298 14.84 -12.53 4.10
C ARG B 298 13.76 -11.52 4.42
N TYR B 299 12.64 -11.60 3.69
CA TYR B 299 11.50 -10.75 3.98
C TYR B 299 10.86 -11.17 5.29
N GLN B 300 10.84 -10.27 6.28
CA GLN B 300 10.33 -10.57 7.60
C GLN B 300 9.43 -9.44 8.07
N GLY B 301 8.67 -9.72 9.13
CA GLY B 301 7.79 -8.70 9.71
C GLY B 301 8.55 -7.46 10.15
N LEU B 302 7.89 -6.32 10.02
CA LEU B 302 8.50 -5.03 10.27
C LEU B 302 8.45 -4.60 11.72
N SER B 303 7.71 -5.31 12.57
CA SER B 303 7.58 -4.97 13.97
C SER B 303 7.91 -6.19 14.84
N CYS B 304 8.29 -5.93 16.08
CA CYS B 304 8.68 -6.96 17.02
CA CYS B 304 8.68 -6.96 17.02
C CYS B 304 7.82 -6.87 18.28
N TRP B 305 7.43 -8.03 18.79
CA TRP B 305 6.62 -8.11 20.00
C TRP B 305 7.26 -9.14 20.92
N THR B 306 7.74 -8.68 22.08
CA THR B 306 8.46 -9.52 23.02
C THR B 306 7.83 -9.42 24.40
N LEU B 307 8.27 -10.33 25.28
CA LEU B 307 7.74 -10.46 26.63
C LEU B 307 8.75 -9.93 27.63
N ASP B 308 8.28 -9.12 28.57
CA ASP B 308 9.07 -8.69 29.73
C ASP B 308 8.44 -9.39 30.93
N LEU B 309 8.82 -10.65 31.13
CA LEU B 309 8.15 -11.49 32.10
C LEU B 309 8.29 -10.97 33.52
N GLU B 310 9.41 -10.33 33.84
CA GLU B 310 9.63 -9.88 35.21
C GLU B 310 8.86 -8.61 35.51
N ARG B 311 8.71 -7.72 34.54
CA ARG B 311 7.80 -6.59 34.70
C ARG B 311 6.38 -6.94 34.33
N GLU B 312 6.16 -8.12 33.74
CA GLU B 312 4.85 -8.57 33.27
C GLU B 312 4.25 -7.57 32.29
N GLU B 313 4.97 -7.37 31.19
CA GLU B 313 4.57 -6.40 30.18
C GLU B 313 4.85 -6.94 28.78
N LEU B 314 3.96 -6.64 27.85
CA LEU B 314 4.16 -6.92 26.43
C LEU B 314 4.76 -5.69 25.76
N VAL B 315 5.87 -5.88 25.07
CA VAL B 315 6.64 -4.80 24.47
C VAL B 315 6.53 -4.89 22.96
N GLY B 316 6.13 -3.79 22.32
CA GLY B 316 6.07 -3.71 20.88
C GLY B 316 7.00 -2.62 20.38
N GLU B 317 7.56 -2.84 19.19
CA GLU B 317 8.55 -1.92 18.64
C GLU B 317 8.58 -2.08 17.12
N MET B 318 8.80 -0.96 16.41
CA MET B 318 8.82 -0.99 14.96
C MET B 318 9.63 0.18 14.43
N THR B 319 10.61 -0.11 13.57
CA THR B 319 11.43 0.89 12.91
C THR B 319 11.18 0.86 11.41
N LEU B 320 10.91 2.01 10.82
CA LEU B 320 10.60 2.15 9.40
C LEU B 320 11.21 3.43 8.85
N PRO B 321 11.54 3.45 7.56
CA PRO B 321 11.82 4.74 6.91
C PRO B 321 10.52 5.52 6.77
N MET B 322 10.51 6.75 7.30
CA MET B 322 9.29 7.56 7.32
C MET B 322 9.61 9.00 6.96
N PRO B 323 10.06 9.26 5.73
CA PRO B 323 10.35 10.64 5.32
C PRO B 323 9.11 11.37 4.85
N VAL B 324 8.14 11.54 5.76
CA VAL B 324 6.89 12.23 5.46
C VAL B 324 7.13 13.73 5.43
N ALA B 325 6.10 14.50 5.09
CA ALA B 325 6.21 15.95 4.93
C ALA B 325 4.96 16.62 5.48
N THR B 326 5.05 17.94 5.65
CA THR B 326 3.91 18.74 6.07
C THR B 326 3.61 19.91 5.15
N LYS B 327 4.43 20.15 4.12
CA LYS B 327 4.21 21.20 3.16
C LYS B 327 4.42 20.67 1.75
N GLY B 328 3.70 21.26 0.79
CA GLY B 328 3.85 20.89 -0.61
C GLY B 328 2.87 19.82 -1.05
N GLY B 329 2.89 19.55 -2.36
CA GLY B 329 2.01 18.53 -2.93
C GLY B 329 0.55 18.95 -2.86
N SER B 330 -0.30 17.99 -2.51
CA SER B 330 -1.72 18.23 -2.32
C SER B 330 -2.06 18.72 -0.92
N ILE B 331 -1.06 18.95 -0.07
CA ILE B 331 -1.34 19.44 1.28
C ILE B 331 -1.97 20.83 1.22
N GLY B 332 -1.45 21.69 0.35
CA GLY B 332 -1.97 23.03 0.20
C GLY B 332 -3.06 23.16 -0.82
N LEU B 333 -3.46 22.07 -1.47
CA LEU B 333 -4.51 22.10 -2.49
C LEU B 333 -5.77 21.34 -2.08
N ASN B 334 -5.62 20.18 -1.45
CA ASN B 334 -6.75 19.40 -0.95
C ASN B 334 -7.23 19.95 0.40
N PRO B 335 -8.40 20.59 0.45
CA PRO B 335 -8.84 21.21 1.71
C PRO B 335 -9.00 20.25 2.86
N ARG B 336 -9.26 18.97 2.60
CA ARG B 336 -9.35 18.01 3.70
C ARG B 336 -7.99 17.56 4.19
N VAL B 337 -6.94 17.71 3.38
CA VAL B 337 -5.60 17.40 3.85
C VAL B 337 -5.11 18.50 4.79
N ALA B 338 -5.33 19.76 4.43
CA ALA B 338 -5.01 20.85 5.33
C ALA B 338 -5.78 20.72 6.65
N LEU B 339 -7.03 20.28 6.58
CA LEU B 339 -7.80 20.06 7.80
C LEU B 339 -7.19 18.95 8.65
N SER B 340 -6.63 17.93 8.00
CA SER B 340 -6.02 16.82 8.74
C SER B 340 -4.80 17.27 9.51
N HIS B 341 -3.99 18.16 8.91
CA HIS B 341 -2.84 18.70 9.62
C HIS B 341 -3.27 19.59 10.78
N ASP B 342 -4.29 20.44 10.56
CA ASP B 342 -4.83 21.23 11.66
C ASP B 342 -5.34 20.34 12.79
N LEU B 343 -6.07 19.28 12.43
CA LEU B 343 -6.64 18.38 13.43
C LEU B 343 -5.56 17.82 14.37
N LEU B 344 -4.39 17.48 13.81
CA LEU B 344 -3.29 16.94 14.57
C LEU B 344 -2.47 18.00 15.29
N GLY B 345 -2.91 19.26 15.27
CA GLY B 345 -2.16 20.33 15.90
C GLY B 345 -1.04 20.89 15.07
N ASN B 346 -1.09 20.71 13.75
CA ASN B 346 -0.02 21.13 12.84
C ASN B 346 1.35 20.61 13.29
N PRO B 347 1.51 19.30 13.47
CA PRO B 347 2.80 18.77 13.93
C PRO B 347 3.89 19.02 12.91
N SER B 348 5.13 19.02 13.39
CA SER B 348 6.26 19.10 12.47
C SER B 348 6.34 17.79 11.67
N ALA B 349 7.21 17.80 10.65
CA ALA B 349 7.42 16.59 9.87
C ALA B 349 7.91 15.45 10.75
N ARG B 350 8.81 15.74 11.70
CA ARG B 350 9.30 14.70 12.60
C ARG B 350 8.21 14.26 13.58
N GLU B 351 7.40 15.21 14.07
CA GLU B 351 6.30 14.83 14.95
C GLU B 351 5.25 14.01 14.22
N LEU B 352 4.96 14.37 12.96
CA LEU B 352 4.02 13.58 12.18
C LEU B 352 4.56 12.19 11.90
N ALA B 353 5.87 12.07 11.64
CA ALA B 353 6.47 10.77 11.40
C ALA B 353 6.33 9.84 12.61
N GLN B 354 6.40 10.41 13.82
CA GLN B 354 6.27 9.57 15.01
C GLN B 354 4.81 9.22 15.31
N ILE B 355 3.87 10.04 14.87
CA ILE B 355 2.45 9.69 15.00
C ILE B 355 2.11 8.54 14.04
N ILE B 356 2.54 8.66 12.78
CA ILE B 356 2.29 7.62 11.79
C ILE B 356 2.92 6.31 12.21
N GLU B 357 4.17 6.37 12.69
CA GLU B 357 4.84 5.16 13.17
C GLU B 357 4.09 4.53 14.33
N SER B 358 3.43 5.36 15.16
CA SER B 358 2.72 4.81 16.32
C SER B 358 1.40 4.16 15.93
N ILE B 359 0.66 4.74 14.98
CA ILE B 359 -0.61 4.13 14.60
C ILE B 359 -0.37 2.84 13.82
N GLY B 360 0.75 2.76 13.09
CA GLY B 360 1.08 1.51 12.43
C GLY B 360 1.36 0.39 13.41
N LEU B 361 2.07 0.69 14.50
CA LEU B 361 2.25 -0.28 15.56
C LEU B 361 0.95 -0.54 16.30
N ALA B 362 0.11 0.48 16.46
CA ALA B 362 -1.22 0.28 17.03
C ALA B 362 -2.08 -0.58 16.13
N GLN B 363 -2.05 -0.33 14.83
CA GLN B 363 -2.79 -1.18 13.89
C GLN B 363 -2.31 -2.62 13.98
N ASN B 364 -0.99 -2.82 13.99
CA ASN B 364 -0.45 -4.17 14.07
C ASN B 364 -0.88 -4.87 15.36
N PHE B 365 -0.95 -4.14 16.46
CA PHE B 365 -1.31 -4.75 17.74
C PHE B 365 -2.73 -5.30 17.73
N ALA B 366 -3.68 -4.53 17.19
CA ALA B 366 -5.07 -4.97 17.17
C ALA B 366 -5.26 -6.20 16.30
N ALA B 367 -4.53 -6.28 15.19
CA ALA B 367 -4.62 -7.45 14.31
C ALA B 367 -4.09 -8.70 15.01
N LEU B 368 -2.90 -8.61 15.61
CA LEU B 368 -2.32 -9.77 16.27
C LEU B 368 -3.15 -10.22 17.46
N LYS B 369 -3.70 -9.26 18.23
CA LYS B 369 -4.50 -9.61 19.39
C LYS B 369 -5.76 -10.37 18.98
N ALA B 370 -6.33 -10.01 17.83
CA ALA B 370 -7.53 -10.70 17.35
C ALA B 370 -7.19 -12.06 16.77
N LEU B 371 -6.11 -12.15 15.98
CA LEU B 371 -5.75 -13.41 15.35
C LEU B 371 -5.48 -14.50 16.37
N VAL B 372 -4.84 -14.15 17.49
CA VAL B 372 -4.39 -15.14 18.46
C VAL B 372 -5.41 -15.43 19.56
N SER B 373 -6.48 -14.64 19.65
CA SER B 373 -7.49 -14.85 20.67
C SER B 373 -8.79 -15.26 20.01
N THR B 374 -9.69 -14.32 19.73
CA THR B 374 -11.01 -14.65 19.17
C THR B 374 -10.95 -15.10 17.71
N GLY B 375 -9.90 -14.74 16.97
CA GLY B 375 -9.93 -14.86 15.54
C GLY B 375 -10.36 -13.54 14.89
N ILE B 376 -10.08 -13.43 13.60
CA ILE B 376 -10.36 -12.19 12.89
C ILE B 376 -11.72 -12.21 12.21
N GLN B 377 -12.39 -13.36 12.17
CA GLN B 377 -13.72 -13.43 11.58
C GLN B 377 -14.75 -12.91 12.56
N GLN B 378 -14.67 -13.40 13.82
CA GLN B 378 -15.54 -12.92 14.90
C GLN B 378 -15.64 -11.40 14.95
N GLY B 379 -14.50 -10.72 14.96
CA GLY B 379 -14.50 -9.26 15.02
C GLY B 379 -15.07 -8.60 13.79
N HIS B 380 -15.23 -9.34 12.69
CA HIS B 380 -15.79 -8.79 11.46
C HIS B 380 -17.31 -8.84 11.42
N MET B 381 -17.92 -9.72 12.21
CA MET B 381 -19.37 -9.86 12.23
C MET B 381 -19.99 -9.24 13.47
N LYS B 382 -19.17 -8.70 14.37
CA LYS B 382 -19.65 -7.92 15.49
C LYS B 382 -19.84 -6.46 15.14
N LEU B 383 -19.02 -5.94 14.22
CA LEU B 383 -19.18 -4.56 13.78
C LEU B 383 -20.36 -4.40 12.83
N GLN B 384 -20.66 -5.42 12.03
CA GLN B 384 -21.86 -5.39 11.22
C GLN B 384 -23.10 -5.41 12.10
N ALA B 385 -23.14 -6.32 13.08
CA ALA B 385 -24.26 -6.37 14.01
C ALA B 385 -24.39 -5.07 14.79
N LYS B 386 -23.28 -4.34 14.97
CA LYS B 386 -23.32 -3.07 15.68
C LYS B 386 -23.87 -1.96 14.79
N SER B 387 -23.36 -1.87 13.54
CA SER B 387 -23.85 -0.86 12.61
C SER B 387 -25.31 -1.10 12.27
N LEU B 388 -25.70 -2.36 12.08
CA LEU B 388 -27.10 -2.67 11.83
C LEU B 388 -27.97 -2.37 13.04
N ALA B 389 -27.41 -2.47 14.25
CA ALA B 389 -28.17 -2.14 15.45
C ALA B 389 -28.41 -0.65 15.59
N LEU B 390 -27.50 0.18 15.05
CA LEU B 390 -27.65 1.64 15.15
C LEU B 390 -28.58 2.16 14.07
N LEU B 391 -28.56 1.51 12.92
CA LEU B 391 -29.54 1.84 11.88
C LEU B 391 -30.95 1.41 12.26
N ALA B 392 -31.09 0.53 13.25
CA ALA B 392 -32.40 0.11 13.74
C ALA B 392 -32.91 1.01 14.85
N GLY B 393 -32.22 2.11 15.15
CA GLY B 393 -32.69 3.03 16.17
C GLY B 393 -32.48 2.56 17.60
N ALA B 394 -31.38 1.85 17.85
CA ALA B 394 -31.08 1.36 19.20
C ALA B 394 -30.29 2.40 19.97
N SER B 395 -30.64 2.59 21.23
CA SER B 395 -29.89 3.49 22.09
C SER B 395 -28.55 2.86 22.46
N GLU B 396 -27.70 3.65 23.12
CA GLU B 396 -26.36 3.18 23.47
C GLU B 396 -26.42 2.00 24.44
N SER B 397 -27.34 2.05 25.41
CA SER B 397 -27.44 0.99 26.41
C SER B 397 -27.99 -0.32 25.85
N GLU B 398 -28.55 -0.32 24.64
CA GLU B 398 -29.18 -1.51 24.08
C GLU B 398 -28.48 -2.00 22.82
N VAL B 399 -27.35 -1.40 22.45
CA VAL B 399 -26.59 -1.89 21.31
C VAL B 399 -25.98 -3.25 21.61
N ALA B 400 -25.35 -3.36 22.78
CA ALA B 400 -24.68 -4.60 23.14
C ALA B 400 -25.63 -5.78 23.23
N PRO B 401 -26.78 -5.70 23.92
CA PRO B 401 -27.69 -6.86 23.92
C PRO B 401 -28.33 -7.12 22.56
N LEU B 402 -28.36 -6.13 21.67
CA LEU B 402 -28.85 -6.36 20.32
C LEU B 402 -27.80 -7.01 19.42
N VAL B 403 -26.53 -6.72 19.67
CA VAL B 403 -25.46 -7.34 18.88
C VAL B 403 -25.30 -8.80 19.26
N GLU B 404 -25.44 -9.13 20.55
CA GLU B 404 -25.30 -10.52 20.99
C GLU B 404 -26.39 -11.39 20.37
N ARG B 405 -27.61 -10.87 20.26
CA ARG B 405 -28.71 -11.63 19.68
C ARG B 405 -28.68 -11.63 18.15
N LEU B 406 -28.06 -10.62 17.54
CA LEU B 406 -27.86 -10.65 16.09
C LEU B 406 -26.72 -11.58 15.70
N ILE B 407 -25.56 -11.43 16.34
CA ILE B 407 -24.42 -12.30 16.09
C ILE B 407 -24.72 -13.74 16.45
N SER B 408 -25.72 -13.98 17.29
CA SER B 408 -26.15 -15.34 17.57
C SER B 408 -26.72 -16.00 16.31
N ASP B 409 -27.51 -15.25 15.54
CA ASP B 409 -28.03 -15.75 14.27
C ASP B 409 -26.91 -15.83 13.25
N LYS B 410 -27.04 -16.78 12.31
CA LYS B 410 -26.07 -16.91 11.25
C LYS B 410 -26.05 -15.66 10.37
N THR B 411 -27.19 -15.35 9.76
CA THR B 411 -27.33 -14.18 8.89
C THR B 411 -28.37 -13.25 9.48
N PHE B 412 -28.06 -11.94 9.47
CA PHE B 412 -28.97 -10.93 9.98
C PHE B 412 -28.92 -9.72 9.07
N ASN B 413 -30.06 -9.05 8.93
CA ASN B 413 -30.16 -7.83 8.14
C ASN B 413 -30.76 -6.73 9.01
N LEU B 414 -31.00 -5.56 8.38
CA LEU B 414 -31.63 -4.46 9.10
C LEU B 414 -33.02 -4.87 9.61
N GLU B 415 -33.76 -5.61 8.80
CA GLU B 415 -35.06 -6.12 9.25
C GLU B 415 -34.90 -7.08 10.42
N THR B 416 -33.75 -7.74 10.53
CA THR B 416 -33.50 -8.63 11.66
C THR B 416 -33.24 -7.84 12.93
N ALA B 417 -32.44 -6.77 12.83
CA ALA B 417 -32.17 -5.93 13.99
C ALA B 417 -33.42 -5.18 14.44
N GLN B 418 -34.29 -4.81 13.50
CA GLN B 418 -35.50 -4.07 13.85
C GLN B 418 -36.47 -4.92 14.64
N ARG B 419 -36.74 -6.15 14.17
CA ARG B 419 -37.61 -7.05 14.91
C ARG B 419 -37.05 -7.32 16.31
N TYR B 420 -35.74 -7.53 16.41
CA TYR B 420 -35.13 -7.88 17.68
C TYR B 420 -35.08 -6.66 18.62
N LEU B 421 -34.85 -5.48 18.06
CA LEU B 421 -34.89 -4.26 18.87
C LEU B 421 -36.28 -4.02 19.43
N GLU B 422 -37.32 -4.41 18.68
CA GLU B 422 -38.69 -4.24 19.17
C GLU B 422 -38.99 -5.21 20.31
N ASN B 423 -38.52 -6.46 20.20
CA ASN B 423 -38.67 -7.40 21.30
C ASN B 423 -37.92 -6.95 22.54
N LEU B 424 -36.75 -6.33 22.34
CA LEU B 424 -35.99 -5.78 23.46
C LEU B 424 -36.77 -4.69 24.17
N ARG B 425 -37.62 -3.95 23.44
CA ARG B 425 -38.42 -2.89 24.01
C ARG B 425 -39.80 -3.36 24.45
N SER B 426 -40.17 -4.60 24.16
CA SER B 426 -41.48 -5.11 24.53
C SER B 426 -41.44 -5.78 25.90
P2A HMG C . 6.67 15.16 -23.70
O5A HMG C . 7.24 16.55 -23.76
O4A HMG C . 7.20 14.32 -24.83
O3A HMG C . 5.02 15.23 -23.80
O6A HMG C . 7.06 14.48 -22.26
P1A HMG C . 4.17 15.48 -25.19
O1A HMG C . 3.07 16.49 -24.92
O2A HMG C . 5.08 16.02 -26.27
O5B HMG C . 3.54 14.04 -25.66
C5B HMG C . 2.17 13.97 -25.86
C4B HMG C . 1.64 12.60 -25.36
O4B HMG C . 2.24 12.25 -24.26
C3B HMG C . 0.14 12.74 -25.01
O3B HMG C . -0.62 12.22 -25.99
C2B HMG C . -0.01 11.93 -23.72
O2B HMG C . -0.17 10.48 -24.04
C1B HMG C . 1.12 12.13 -23.09
P3B HMG C . -1.44 13.25 -27.00
O7A HMG C . -2.12 12.43 -28.08
O8A HMG C . -2.49 13.99 -26.20
O9A HMG C . -0.47 14.22 -27.63
N9A HMG C . 1.05 13.36 -22.32
C4A HMG C . 0.13 13.91 -21.52
N3A HMG C . -1.09 13.49 -21.13
C2A HMG C . -1.84 14.25 -20.29
N1A HMG C . -1.35 15.44 -19.83
C6A HMG C . -0.15 15.85 -20.21
C5A HMG C . 0.61 15.07 -21.07
N7A HMG C . 1.83 15.24 -21.60
C8A HMG C . 2.10 14.18 -22.38
N6A HMG C . 0.14 17.13 -19.60
CBP HMG C . 6.01 13.35 -20.45
CCP HMG C . 6.21 14.69 -21.18
CDP HMG C . 5.51 13.62 -19.04
CEP HMG C . 4.98 12.54 -21.21
CAP HMG C . 7.36 12.61 -20.42
OAP HMG C . 8.38 13.51 -20.08
C9P HMG C . 7.34 11.48 -19.39
O9P HMG C . 6.81 10.45 -19.65
N8P HMG C . 7.98 11.68 -18.10
C7P HMG C . 7.96 10.62 -17.12
C6P HMG C . 7.57 11.24 -15.77
C5P HMG C . 7.05 10.16 -14.82
O5P HMG C . 7.35 9.02 -14.97
N4P HMG C . 6.18 10.56 -13.73
C3P HMG C . 5.67 9.58 -12.79
C2P HMG C . 5.82 10.16 -11.38
S1P HMG C . 7.59 10.31 -10.97
C1 HMG C . 8.13 8.70 -10.32
O2 HMG C . 7.49 7.73 -10.56
C2 HMG C . 9.39 8.58 -9.45
C3 HMG C . 10.52 7.83 -10.18
O7 HMG C . 11.72 8.10 -9.53
C4 HMG C . 10.27 6.33 -10.17
C5 HMG C . 11.44 5.63 -10.87
O3 HMG C . 12.62 5.95 -10.58
O4 HMG C . 11.23 4.73 -11.73
C6 HMG C . 10.59 8.31 -11.62
C1 GOL D . -13.61 -10.23 0.79
O1 GOL D . -14.00 -11.45 1.36
C2 GOL D . -13.29 -10.44 -0.68
O2 GOL D . -13.73 -11.73 -1.05
C3 GOL D . -14.01 -9.40 -1.51
O3 GOL D . -13.52 -9.40 -2.85
O2 PE4 E . -24.21 19.09 3.12
C3 PE4 E . -24.47 17.79 3.55
C4 PE4 E . -23.15 17.09 3.88
O3 PE4 E . -23.34 16.12 4.87
C5 PE4 E . -24.23 15.10 4.53
C6 PE4 E . -24.94 14.60 5.78
O4 PE4 E . -25.58 13.37 5.55
C7 PE4 E . -25.41 12.43 6.58
C8 PE4 E . -26.70 11.66 6.84
O5 PE4 E . -26.44 10.29 6.88
C9 PE4 E . -25.49 9.87 7.83
C10 PE4 E . -25.88 8.48 8.33
O6 PE4 E . -26.27 8.51 9.67
C11 PE4 E . -27.03 9.62 10.06
C12 PE4 E . -26.47 10.20 11.37
O7 PE4 E . -26.40 11.61 11.28
P2A HMG F . -15.34 -5.32 19.80
O5A HMG F . -16.63 -5.24 19.02
O4A HMG F . -15.44 -6.41 20.84
O3A HMG F . -15.05 -3.87 20.55
O6A HMG F . -14.10 -5.66 18.78
P1A HMG F . -16.23 -3.02 21.33
O1A HMG F . -16.83 -3.87 22.41
O2A HMG F . -17.31 -2.62 20.35
O5B HMG F . -15.58 -1.65 22.00
C5B HMG F . -14.26 -1.68 22.46
C4B HMG F . -13.49 -0.47 21.87
O4B HMG F . -13.07 -0.78 20.67
C3B HMG F . -14.44 0.73 21.65
O3B HMG F . -14.51 1.52 22.76
C2B HMG F . -13.78 1.46 20.46
O2B HMG F . -12.63 2.30 20.92
C1B HMG F . -13.36 0.49 19.70
P3B HMG F . -15.85 2.45 23.00
O7A HMG F . -17.09 1.60 22.97
O8A HMG F . -15.94 3.51 21.92
O9A HMG F . -15.75 3.13 24.35
N9A HMG F . -14.38 0.20 18.72
C4A HMG F . -14.92 0.92 17.73
N3A HMG F . -14.68 2.17 17.29
C2A HMG F . -15.38 2.67 16.25
N1A HMG F . -16.32 1.91 15.64
C6A HMG F . -16.56 0.67 16.06
C5A HMG F . -15.85 0.17 17.12
N7A HMG F . -15.88 -1.02 17.75
C8A HMG F . -14.98 -0.99 18.74
N6A HMG F . -17.60 0.08 15.25
CBP HMG F . -12.77 -4.89 16.98
CCP HMG F . -14.17 -5.22 17.46
CDP HMG F . -12.79 -4.52 15.51
CEP HMG F . -12.24 -3.71 17.78
CAP HMG F . -11.87 -6.11 17.22
OAP HMG F . -12.54 -7.29 16.85
C9P HMG F . -10.55 -6.00 16.46
O9P HMG F . -9.66 -5.41 16.96
N8P HMG F . -10.37 -6.62 15.15
C7P HMG F . -9.10 -6.49 14.46
C6P HMG F . -9.25 -6.03 13.00
C5P HMG F . -7.89 -5.51 12.55
O5P HMG F . -6.98 -5.55 13.30
N4P HMG F . -7.66 -4.93 11.24
C3P HMG F . -8.69 -4.81 10.23
C2P HMG F . -8.09 -5.16 8.86
S1P HMG F . -8.23 -6.96 8.65
C1 HMG F . -6.73 -7.62 7.88
O2 HMG F . -6.82 -8.28 6.91
C2 HMG F . -5.36 -7.29 8.46
C3 HMG F . -4.77 -8.56 9.09
O7 HMG F . -4.74 -9.59 8.13
C4 HMG F . -3.34 -8.23 9.55
C5 HMG F . -2.59 -9.49 9.99
O3 HMG F . -1.59 -9.37 10.74
O4 HMG F . -2.95 -10.64 9.60
C6 HMG F . -5.62 -8.98 10.27
C1 GOL G . 14.94 1.53 18.44
O1 GOL G . 15.41 2.86 18.33
C2 GOL G . 16.08 0.54 18.27
O2 GOL G . 16.06 -0.39 19.34
C3 GOL G . 15.90 -0.21 16.95
O3 GOL G . 16.71 0.36 15.95
C1 GOL H . 25.71 22.70 -7.13
O1 GOL H . 25.21 21.55 -6.49
C2 GOL H . 24.82 23.88 -6.78
O2 GOL H . 25.49 25.08 -7.08
C3 GOL H . 24.56 23.77 -5.30
O3 GOL H . 23.82 24.86 -4.84
O1 PE4 I . 0.40 22.37 18.40
C1 PE4 I . 1.36 21.35 18.54
C2 PE4 I . 0.68 19.98 18.46
O2 PE4 I . -0.06 19.76 19.62
C3 PE4 I . -0.91 18.64 19.56
C4 PE4 I . -2.37 19.07 19.62
O3 PE4 I . -3.21 17.94 19.58
C5 PE4 I . -4.54 18.21 19.93
C6 PE4 I . -5.07 17.14 20.88
O4 PE4 I . -6.00 16.31 20.23
C7 PE4 I . -6.55 15.30 21.02
C8 PE4 I . -7.52 15.90 22.04
O5 PE4 I . -8.57 14.99 22.30
C9 PE4 I . -8.37 14.19 23.43
C10 PE4 I . -9.53 14.34 24.40
O6 PE4 I . -9.70 13.17 25.16
#